data_8HFY
#
_entry.id   8HFY
#
_cell.length_a   1.00
_cell.length_b   1.00
_cell.length_c   1.00
_cell.angle_alpha   90.00
_cell.angle_beta   90.00
_cell.angle_gamma   90.00
#
_symmetry.space_group_name_H-M   'P 1'
#
loop_
_entity.id
_entity.type
_entity.pdbx_description
1 polymer 'Spike protein S1'
2 polymer 'Angiotensin-converting enzyme'
3 branched 2-acetamido-2-deoxy-beta-D-glucopyranose-(1-4)-2-acetamido-2-deoxy-beta-D-glucopyranose
4 branched beta-D-mannopyranose-(1-4)-2-acetamido-2-deoxy-beta-D-glucopyranose-(1-4)-2-acetamido-2-deoxy-beta-D-glucopyranose
5 non-polymer 2-acetamido-2-deoxy-beta-D-glucopyranose
6 non-polymer 'ZINC ION'
#
loop_
_entity_poly.entity_id
_entity_poly.type
_entity_poly.pdbx_seq_one_letter_code
_entity_poly.pdbx_strand_id
1 'polypeptide(L)'
;TNLCPFDEVFNATRFASVYAWNRKRISNCVADYSVLYNLAPFFTFKCYGVSPTKLNDLCFTNVYADSFVIRGDEVRQIAP
GQTGNIADYNYKLPDDFTGCVIAWNSNKLDSKVSGNYNYLYRLFRKSNLKPFERDISTEIYQAGNKPCNGVAGFNCYFPL
RSYSFRPTYGVGHQPYRVVVLSFELLHAPATVCG
;
B
2 'polypeptide(L)'
;STTEEQAKTFLEKFNHEAEDLSYQSSLASWNYNTNITDENVQKMNEARAKWSAFYEEQSRMAKTYSLEEIQNLTLKRQLK
ALQQSGTSVLSAEKSKRLNTILNTMSTIYSTGKVLDPNTQECLALEPGLDDIMENSRDYNRRLWAWEGWRAEVGKQLRPL
YEEYVVLENEMARANNYEDYGDYWRGDYEVTEAGDYDYSRDQLMKDVENTFAEIKPLYEQLHAYVRAKLMDTYPSYISPT
GCLPAHLLGDMWGRFWTNLYSLTVPFKHKPSIDVTEKMKNQSWDAERIFKEAEKFFVSISLPHMTQGFWDNSMLTEPGDG
RKVVCHPTAWDLGKGDFRIKMCTKVTMDDFLTAHHEMGHIQYDMAYAAQPYLLRDGANEGFHEAVGEIMSLSAATPHYLK
ALGLLEPDFYEDNETEINFLLKQALTIVGTLPFTYMLEKWRWMVFKGEIPKEQWMEKWWEMKREIVGVVEPLPHDETYCD
PACLFHVAEDYSFIRYYTRTIYQFQFHEALCKTANHEGALFKCDISNSTEAGQRLLQMLSLGKSEPWTLALESIVGIKTM
DVKPLLNYFEPLFTWLKEQNRNSFVGWSTEWTPYS
;
A
#
# COMPACT_ATOMS: atom_id res chain seq x y z
N THR A 1 -12.48 60.70 12.10
CA THR A 1 -11.57 59.64 11.67
C THR A 1 -12.27 58.72 10.68
N ASN A 2 -11.64 58.52 9.52
CA ASN A 2 -12.15 57.63 8.49
C ASN A 2 -11.57 56.23 8.69
N LEU A 3 -12.14 55.51 9.66
CA LEU A 3 -11.75 54.13 9.87
C LEU A 3 -12.12 53.30 8.65
N CYS A 4 -11.19 52.46 8.22
CA CYS A 4 -11.32 51.74 6.97
C CYS A 4 -12.43 50.69 7.06
N PRO A 5 -12.94 50.23 5.91
CA PRO A 5 -14.01 49.23 5.93
C PRO A 5 -13.53 47.83 6.30
N PHE A 6 -12.31 47.72 6.84
CA PHE A 6 -11.87 46.47 7.47
C PHE A 6 -12.92 46.03 8.48
N ASP A 7 -12.98 44.73 8.76
CA ASP A 7 -14.01 44.02 9.52
C ASP A 7 -15.24 43.78 8.65
N GLU A 8 -15.26 44.27 7.41
CA GLU A 8 -16.24 43.88 6.41
C GLU A 8 -15.62 43.03 5.32
N VAL A 9 -14.33 42.70 5.44
CA VAL A 9 -13.65 41.83 4.49
C VAL A 9 -13.06 40.65 5.26
N PHE A 10 -12.23 40.93 6.27
CA PHE A 10 -11.65 39.88 7.10
C PHE A 10 -12.72 39.13 7.88
N ASN A 11 -13.88 39.72 8.10
CA ASN A 11 -14.97 39.10 8.83
C ASN A 11 -16.20 38.93 7.94
N ALA A 12 -15.98 38.62 6.67
CA ALA A 12 -17.07 38.45 5.73
C ALA A 12 -17.77 37.11 5.99
N THR A 13 -18.80 36.82 5.19
CA THR A 13 -19.54 35.57 5.31
C THR A 13 -19.45 34.71 4.06
N ARG A 14 -18.98 35.24 2.94
CA ARG A 14 -18.85 34.44 1.71
C ARG A 14 -17.73 35.07 0.88
N PHE A 15 -16.55 34.46 0.94
CA PHE A 15 -15.50 34.85 0.01
C PHE A 15 -15.82 34.30 -1.38
N ALA A 16 -15.17 34.85 -2.39
CA ALA A 16 -15.49 34.48 -3.76
C ALA A 16 -14.62 33.31 -4.20
N SER A 17 -14.74 32.94 -5.47
CA SER A 17 -13.88 31.92 -6.03
C SER A 17 -12.52 32.52 -6.39
N VAL A 18 -11.62 31.66 -6.88
CA VAL A 18 -10.31 32.12 -7.31
C VAL A 18 -10.23 32.37 -8.81
N TYR A 19 -11.21 31.91 -9.59
CA TYR A 19 -11.25 32.27 -10.99
C TYR A 19 -11.88 33.65 -11.19
N ALA A 20 -12.82 34.04 -10.34
CA ALA A 20 -13.38 35.39 -10.29
C ALA A 20 -13.28 35.87 -8.85
N TRP A 21 -12.12 36.40 -8.47
CA TRP A 21 -11.89 36.84 -7.10
C TRP A 21 -12.63 38.15 -6.85
N ASN A 22 -12.59 38.61 -5.60
CA ASN A 22 -13.34 39.82 -5.22
C ASN A 22 -12.37 40.96 -4.94
N ARG A 23 -12.60 42.10 -5.58
CA ARG A 23 -11.74 43.26 -5.45
C ARG A 23 -12.51 44.42 -4.82
N LYS A 24 -11.95 44.98 -3.76
CA LYS A 24 -12.51 46.16 -3.11
C LYS A 24 -11.46 47.26 -3.08
N ARG A 25 -11.86 48.48 -3.40
CA ARG A 25 -10.97 49.63 -3.43
C ARG A 25 -11.19 50.45 -2.17
N ILE A 26 -10.14 50.60 -1.37
CA ILE A 26 -10.18 51.37 -0.13
C ILE A 26 -9.34 52.64 -0.33
N SER A 27 -9.94 53.78 -0.01
CA SER A 27 -9.27 55.07 -0.14
C SER A 27 -9.96 56.05 0.81
N ASN A 28 -9.24 57.13 1.11
CA ASN A 28 -9.71 58.19 2.00
C ASN A 28 -10.13 57.61 3.35
N CYS A 29 -9.17 56.95 4.00
CA CYS A 29 -9.45 56.23 5.23
C CYS A 29 -8.22 56.18 6.11
N VAL A 30 -8.44 55.92 7.40
CA VAL A 30 -7.40 55.58 8.35
C VAL A 30 -7.38 54.06 8.48
N ALA A 31 -6.19 53.46 8.42
CA ALA A 31 -6.04 52.02 8.32
C ALA A 31 -5.34 51.50 9.58
N ASP A 32 -6.14 51.15 10.59
CA ASP A 32 -5.59 50.50 11.77
C ASP A 32 -5.23 49.06 11.45
N TYR A 33 -4.00 48.66 11.77
CA TYR A 33 -3.51 47.33 11.42
C TYR A 33 -3.27 46.46 12.65
N SER A 34 -3.85 46.80 13.78
CA SER A 34 -3.83 45.94 14.96
C SER A 34 -5.12 45.13 15.11
N VAL A 35 -6.08 45.33 14.21
CA VAL A 35 -7.32 44.55 14.25
C VAL A 35 -7.10 43.13 13.74
N LEU A 36 -6.08 42.94 12.90
CA LEU A 36 -5.86 41.63 12.28
C LEU A 36 -5.51 40.57 13.33
N TYR A 37 -4.72 40.96 14.33
CA TYR A 37 -4.09 39.99 15.24
C TYR A 37 -5.10 39.04 15.87
N ASN A 38 -6.30 39.54 16.22
CA ASN A 38 -7.28 38.74 16.94
C ASN A 38 -8.12 37.85 16.02
N LEU A 39 -7.94 37.94 14.71
CA LEU A 39 -8.83 37.24 13.78
C LEU A 39 -8.68 35.73 13.87
N ALA A 40 -7.50 35.21 13.55
CA ALA A 40 -7.32 33.78 13.39
C ALA A 40 -5.83 33.45 13.41
N PRO A 41 -5.43 32.17 13.33
CA PRO A 41 -4.00 31.90 13.08
C PRO A 41 -3.61 32.30 11.65
N PHE A 42 -3.39 33.60 11.49
CA PHE A 42 -3.08 34.18 10.17
C PHE A 42 -1.64 33.85 9.77
N PHE A 43 -1.36 32.55 9.72
CA PHE A 43 0.02 32.10 9.59
C PHE A 43 0.67 32.65 8.34
N THR A 44 -0.09 32.88 7.26
CA THR A 44 0.51 33.55 6.12
C THR A 44 0.30 35.05 6.28
N PHE A 45 1.34 35.77 6.69
CA PHE A 45 1.28 37.23 6.75
C PHE A 45 2.46 37.82 5.99
N LYS A 46 2.68 37.35 4.78
CA LYS A 46 3.85 37.80 4.05
C LYS A 46 3.65 39.23 3.56
N CYS A 47 4.74 39.99 3.47
CA CYS A 47 4.68 41.34 2.93
C CYS A 47 5.84 41.55 1.97
N TYR A 48 5.53 42.00 0.77
CA TYR A 48 6.49 42.17 -0.30
C TYR A 48 6.58 43.63 -0.70
N GLY A 49 7.80 44.14 -0.83
CA GLY A 49 8.05 45.50 -1.28
C GLY A 49 8.01 46.55 -0.19
N VAL A 50 7.42 46.24 0.97
CA VAL A 50 7.43 47.15 2.10
C VAL A 50 8.01 46.42 3.30
N SER A 51 8.07 47.10 4.44
CA SER A 51 8.55 46.49 5.67
C SER A 51 7.39 46.32 6.63
N PRO A 52 7.02 45.10 6.99
CA PRO A 52 5.87 44.88 7.88
C PRO A 52 6.14 45.09 9.34
N THR A 53 7.29 45.66 9.71
CA THR A 53 7.63 45.85 11.12
C THR A 53 6.93 47.09 11.67
N LYS A 54 5.59 47.13 11.53
CA LYS A 54 4.78 48.25 11.99
C LYS A 54 5.28 49.56 11.40
N LEU A 55 5.67 49.53 10.14
CA LEU A 55 6.07 50.71 9.41
C LEU A 55 4.91 51.36 8.67
N ASN A 56 3.69 50.86 8.87
CA ASN A 56 2.50 51.40 8.22
C ASN A 56 1.98 52.62 9.00
N ASP A 57 2.82 53.65 9.03
CA ASP A 57 2.44 54.98 9.49
C ASP A 57 2.61 56.00 8.36
N LEU A 58 2.71 55.51 7.13
CA LEU A 58 2.90 56.34 5.94
C LEU A 58 1.55 56.74 5.37
N CYS A 59 1.54 57.25 4.13
CA CYS A 59 0.31 57.59 3.45
C CYS A 59 0.35 56.98 2.06
N PHE A 60 -0.77 56.34 1.68
CA PHE A 60 -0.91 55.68 0.38
C PHE A 60 -2.15 56.21 -0.31
N THR A 61 -2.07 56.37 -1.63
CA THR A 61 -3.23 56.87 -2.36
C THR A 61 -4.30 55.80 -2.52
N ASN A 62 -3.91 54.54 -2.66
CA ASN A 62 -4.89 53.48 -2.90
C ASN A 62 -4.55 52.23 -2.14
N VAL A 63 -5.59 51.49 -1.71
CA VAL A 63 -5.46 50.17 -1.14
C VAL A 63 -6.42 49.26 -1.89
N TYR A 64 -5.96 48.07 -2.25
CA TYR A 64 -6.77 47.10 -2.97
C TYR A 64 -6.85 45.81 -2.15
N ALA A 65 -8.06 45.41 -1.79
CA ALA A 65 -8.28 44.17 -1.05
C ALA A 65 -8.82 43.15 -2.03
N ASP A 66 -8.01 42.13 -2.33
CA ASP A 66 -8.42 41.03 -3.19
C ASP A 66 -8.64 39.79 -2.33
N SER A 67 -9.86 39.28 -2.32
CA SER A 67 -10.24 38.18 -1.45
C SER A 67 -10.66 36.98 -2.27
N PHE A 68 -10.26 35.79 -1.80
CA PHE A 68 -10.69 34.53 -2.41
C PHE A 68 -10.36 33.39 -1.44
N VAL A 69 -10.64 32.17 -1.89
CA VAL A 69 -10.42 30.95 -1.12
C VAL A 69 -9.66 29.95 -1.98
N ILE A 70 -8.63 29.33 -1.42
CA ILE A 70 -7.84 28.35 -2.15
C ILE A 70 -7.49 27.17 -1.26
N ARG A 71 -6.71 26.24 -1.78
CA ARG A 71 -6.24 25.11 -1.00
C ARG A 71 -5.06 25.50 -0.11
N GLY A 72 -4.76 24.64 0.86
CA GLY A 72 -3.63 24.90 1.72
C GLY A 72 -2.30 24.86 0.99
N ASP A 73 -2.15 23.92 0.05
CA ASP A 73 -0.90 23.80 -0.69
C ASP A 73 -0.69 24.93 -1.70
N GLU A 74 -1.76 25.62 -2.09
CA GLU A 74 -1.69 26.62 -3.14
C GLU A 74 -1.50 28.04 -2.63
N VAL A 75 -1.41 28.24 -1.31
CA VAL A 75 -1.16 29.57 -0.77
C VAL A 75 0.29 29.99 -0.90
N ARG A 76 1.14 29.14 -1.47
CA ARG A 76 2.51 29.51 -1.79
C ARG A 76 2.66 30.05 -3.20
N GLN A 77 1.60 29.98 -4.00
CA GLN A 77 1.62 30.55 -5.35
C GLN A 77 1.16 32.00 -5.37
N ILE A 78 0.72 32.53 -4.23
CA ILE A 78 0.36 33.95 -4.13
C ILE A 78 1.65 34.67 -3.71
N ALA A 79 2.48 34.93 -4.71
CA ALA A 79 3.80 35.52 -4.50
C ALA A 79 4.34 35.98 -5.84
N PRO A 80 5.27 36.93 -5.85
CA PRO A 80 5.83 37.40 -7.13
C PRO A 80 6.58 36.28 -7.85
N GLY A 81 6.38 36.21 -9.16
CA GLY A 81 7.14 35.30 -9.99
C GLY A 81 6.97 33.83 -9.67
N GLN A 82 5.73 33.37 -9.53
CA GLN A 82 5.44 31.97 -9.27
C GLN A 82 4.67 31.36 -10.43
N THR A 83 4.66 30.03 -10.49
CA THR A 83 3.99 29.29 -11.55
C THR A 83 3.14 28.19 -10.95
N GLY A 84 2.09 27.81 -11.69
CA GLY A 84 1.19 26.77 -11.23
C GLY A 84 -0.13 26.79 -12.00
N ASN A 85 -1.24 26.71 -11.26
CA ASN A 85 -2.56 26.88 -11.86
C ASN A 85 -3.42 27.89 -11.13
N ILE A 86 -3.01 28.37 -9.96
CA ILE A 86 -3.60 29.57 -9.36
C ILE A 86 -2.86 30.82 -9.77
N ALA A 87 -1.78 30.68 -10.54
CA ALA A 87 -1.03 31.82 -11.07
C ALA A 87 -1.11 31.90 -12.59
N ASP A 88 -0.84 30.81 -13.30
CA ASP A 88 -0.86 30.86 -14.75
C ASP A 88 -2.25 31.22 -15.28
N TYR A 89 -3.29 30.63 -14.72
CA TYR A 89 -4.64 30.80 -15.26
C TYR A 89 -5.58 31.38 -14.21
N ASN A 90 -5.06 32.11 -13.24
CA ASN A 90 -5.85 32.68 -12.16
C ASN A 90 -5.14 33.93 -11.64
N TYR A 91 -5.52 34.36 -10.44
CA TYR A 91 -4.94 35.54 -9.79
C TYR A 91 -3.42 35.48 -9.80
N LYS A 92 -2.80 36.41 -10.52
CA LYS A 92 -1.35 36.44 -10.66
C LYS A 92 -0.83 37.78 -10.18
N LEU A 93 0.09 37.75 -9.19
CA LEU A 93 0.69 38.96 -8.65
C LEU A 93 1.87 39.38 -9.52
N PRO A 94 2.13 40.68 -9.64
CA PRO A 94 3.25 41.13 -10.48
C PRO A 94 4.59 40.77 -9.85
N ASP A 95 5.64 40.83 -10.69
CA ASP A 95 6.98 40.54 -10.21
C ASP A 95 7.42 41.54 -9.16
N ASP A 96 7.04 42.81 -9.33
CA ASP A 96 7.29 43.85 -8.33
C ASP A 96 5.97 44.15 -7.65
N PHE A 97 5.87 43.79 -6.37
CA PHE A 97 4.63 43.95 -5.62
C PHE A 97 4.93 44.65 -4.30
N THR A 98 4.07 45.58 -3.93
CA THR A 98 4.18 46.31 -2.66
C THR A 98 2.86 46.13 -1.91
N GLY A 99 2.77 45.05 -1.15
CA GLY A 99 1.57 44.73 -0.41
C GLY A 99 1.79 43.66 0.63
N CYS A 100 0.71 43.19 1.23
CA CYS A 100 0.76 42.11 2.22
C CYS A 100 -0.30 41.08 1.92
N VAL A 101 0.11 39.81 1.84
CA VAL A 101 -0.80 38.70 1.63
C VAL A 101 -1.04 38.01 2.97
N ILE A 102 -2.31 37.90 3.37
CA ILE A 102 -2.72 37.27 4.62
C ILE A 102 -3.60 36.08 4.27
N ALA A 103 -3.17 34.90 4.66
CA ALA A 103 -3.92 33.67 4.42
C ALA A 103 -4.01 32.89 5.71
N TRP A 104 -5.24 32.43 6.02
CA TRP A 104 -5.50 31.73 7.28
C TRP A 104 -6.50 30.61 7.04
N ASN A 105 -6.47 29.63 7.94
CA ASN A 105 -7.25 28.41 7.80
C ASN A 105 -8.71 28.66 8.20
N SER A 106 -9.63 28.32 7.29
CA SER A 106 -11.06 28.46 7.56
C SER A 106 -11.80 27.14 7.35
N ASN A 107 -11.27 26.05 7.91
CA ASN A 107 -11.85 24.73 7.66
C ASN A 107 -13.26 24.63 8.20
N LYS A 108 -13.51 25.16 9.40
CA LYS A 108 -14.81 25.00 10.04
C LYS A 108 -15.93 25.70 9.30
N LEU A 109 -15.62 26.67 8.45
CA LEU A 109 -16.64 27.50 7.82
C LEU A 109 -16.99 27.09 6.40
N ASP A 110 -15.99 26.70 5.59
CA ASP A 110 -16.19 26.50 4.17
C ASP A 110 -16.23 25.03 3.77
N SER A 111 -16.23 24.10 4.72
CA SER A 111 -16.20 22.68 4.43
C SER A 111 -17.45 22.01 4.99
N LYS A 112 -18.18 21.31 4.13
CA LYS A 112 -19.34 20.53 4.52
C LYS A 112 -19.06 19.05 4.36
N VAL A 113 -19.72 18.23 5.17
CA VAL A 113 -19.47 16.79 5.18
C VAL A 113 -19.78 16.19 3.82
N SER A 114 -20.93 16.54 3.25
CA SER A 114 -21.26 16.05 1.91
C SER A 114 -20.33 16.62 0.85
N GLY A 115 -19.85 17.84 1.06
CA GLY A 115 -18.95 18.50 0.12
C GLY A 115 -19.40 19.93 -0.11
N ASN A 116 -18.45 20.78 -0.45
CA ASN A 116 -18.71 22.19 -0.72
C ASN A 116 -18.26 22.49 -2.15
N TYR A 117 -19.20 22.44 -3.09
CA TYR A 117 -18.92 22.68 -4.50
C TYR A 117 -19.17 24.13 -4.89
N ASN A 118 -19.37 25.02 -3.92
CA ASN A 118 -19.62 26.43 -4.24
C ASN A 118 -18.38 27.11 -4.79
N TYR A 119 -17.19 26.67 -4.38
CA TYR A 119 -15.95 27.26 -4.88
C TYR A 119 -15.46 26.52 -6.11
N LEU A 120 -14.84 27.27 -7.02
CA LEU A 120 -14.37 26.72 -8.28
C LEU A 120 -13.03 27.35 -8.64
N TYR A 121 -12.41 26.80 -9.69
CA TYR A 121 -11.17 27.34 -10.22
C TYR A 121 -11.04 26.89 -11.66
N ARG A 122 -10.06 27.46 -12.37
CA ARG A 122 -9.89 27.26 -13.80
C ARG A 122 -8.69 26.36 -14.06
N LEU A 123 -8.88 25.36 -14.92
CA LEU A 123 -7.83 24.40 -15.23
C LEU A 123 -7.17 24.62 -16.59
N PHE A 124 -7.88 25.17 -17.56
CA PHE A 124 -7.33 25.28 -18.91
C PHE A 124 -7.63 26.65 -19.50
N ARG A 125 -6.61 27.25 -20.11
CA ARG A 125 -6.80 28.46 -20.90
C ARG A 125 -5.61 28.58 -21.84
N LYS A 126 -5.78 29.43 -22.87
CA LYS A 126 -4.82 29.46 -23.96
C LYS A 126 -3.47 30.02 -23.52
N SER A 127 -3.46 31.14 -22.80
CA SER A 127 -2.23 31.81 -22.44
C SER A 127 -2.31 32.31 -21.01
N ASN A 128 -1.15 32.53 -20.41
CA ASN A 128 -1.08 32.93 -19.02
C ASN A 128 -1.68 34.32 -18.83
N LEU A 129 -2.04 34.61 -17.58
CA LEU A 129 -2.71 35.87 -17.26
C LEU A 129 -1.72 37.00 -17.06
N LYS A 130 -2.02 38.15 -17.65
CA LYS A 130 -1.31 39.37 -17.31
C LYS A 130 -1.68 39.77 -15.88
N PRO A 131 -0.77 40.43 -15.16
CA PRO A 131 -1.01 40.66 -13.72
C PRO A 131 -2.32 41.39 -13.46
N PHE A 132 -3.03 40.94 -12.44
CA PHE A 132 -4.29 41.52 -11.97
C PHE A 132 -5.40 41.46 -13.02
N GLU A 133 -5.35 40.52 -13.95
CA GLU A 133 -6.41 40.34 -14.93
C GLU A 133 -7.42 39.33 -14.43
N ARG A 134 -8.67 39.52 -14.84
CA ARG A 134 -9.76 38.61 -14.52
C ARG A 134 -10.36 38.06 -15.80
N ASP A 135 -10.70 36.78 -15.78
CA ASP A 135 -11.27 36.10 -16.95
C ASP A 135 -12.42 35.22 -16.47
N ILE A 136 -13.64 35.75 -16.54
CA ILE A 136 -14.83 35.02 -16.12
C ILE A 136 -15.51 34.31 -17.27
N SER A 137 -14.99 34.42 -18.48
CA SER A 137 -15.60 33.76 -19.62
C SER A 137 -15.50 32.24 -19.48
N THR A 138 -16.55 31.55 -19.90
CA THR A 138 -16.61 30.08 -19.84
C THR A 138 -16.89 29.58 -21.25
N GLU A 139 -15.83 29.40 -22.02
CA GLU A 139 -15.92 28.86 -23.37
C GLU A 139 -15.26 27.49 -23.40
N ILE A 140 -15.81 26.58 -24.19
CA ILE A 140 -15.31 25.21 -24.23
C ILE A 140 -13.87 25.23 -24.76
N TYR A 141 -12.95 24.73 -23.95
CA TYR A 141 -11.55 24.68 -24.33
C TYR A 141 -11.35 23.66 -25.45
N GLN A 142 -10.37 23.92 -26.31
CA GLN A 142 -10.08 23.05 -27.44
C GLN A 142 -8.61 22.63 -27.38
N ALA A 143 -8.37 21.34 -27.24
CA ALA A 143 -7.02 20.79 -27.25
C ALA A 143 -6.69 20.07 -28.56
N GLY A 144 -7.63 20.02 -29.51
CA GLY A 144 -7.40 19.32 -30.75
C GLY A 144 -7.58 20.19 -31.98
N ASN A 145 -7.88 19.56 -33.12
CA ASN A 145 -8.03 20.26 -34.39
C ASN A 145 -9.48 20.29 -34.86
N LYS A 146 -10.44 20.26 -33.93
CA LYS A 146 -11.84 20.25 -34.29
C LYS A 146 -12.60 21.32 -33.52
N PRO A 147 -13.61 21.92 -34.14
CA PRO A 147 -14.41 22.94 -33.44
C PRO A 147 -15.14 22.34 -32.24
N CYS A 148 -15.22 23.13 -31.16
CA CYS A 148 -15.97 22.70 -29.99
C CYS A 148 -17.46 22.71 -30.26
N ASN A 149 -17.97 23.80 -30.85
CA ASN A 149 -19.36 23.99 -31.24
C ASN A 149 -20.31 24.07 -30.06
N GLY A 150 -19.81 24.09 -28.82
CA GLY A 150 -20.65 24.18 -27.65
C GLY A 150 -20.94 22.89 -26.93
N VAL A 151 -20.29 21.80 -27.32
CA VAL A 151 -20.47 20.50 -26.67
C VAL A 151 -19.10 20.00 -26.20
N ALA A 152 -19.07 19.49 -24.98
CA ALA A 152 -17.83 18.99 -24.37
C ALA A 152 -17.81 17.47 -24.52
N GLY A 153 -17.16 16.99 -25.58
CA GLY A 153 -17.04 15.57 -25.84
C GLY A 153 -15.63 15.06 -25.73
N PHE A 154 -14.97 14.86 -26.87
CA PHE A 154 -13.60 14.36 -26.93
C PHE A 154 -12.71 15.51 -27.38
N ASN A 155 -11.70 15.83 -26.56
CA ASN A 155 -10.75 16.93 -26.71
C ASN A 155 -11.39 18.28 -26.43
N CYS A 156 -12.68 18.32 -26.08
CA CYS A 156 -13.37 19.55 -25.72
C CYS A 156 -13.69 19.48 -24.23
N TYR A 157 -13.20 20.47 -23.48
CA TYR A 157 -13.27 20.42 -22.02
C TYR A 157 -13.91 21.69 -21.48
N PHE A 158 -14.78 21.53 -20.49
CA PHE A 158 -15.27 22.67 -19.73
C PHE A 158 -14.11 23.28 -18.95
N PRO A 159 -14.05 24.62 -18.85
CA PRO A 159 -12.83 25.23 -18.30
C PRO A 159 -12.65 25.06 -16.80
N LEU A 160 -13.69 25.24 -16.01
CA LEU A 160 -13.56 25.36 -14.56
C LEU A 160 -14.00 24.09 -13.85
N ARG A 161 -13.15 23.62 -12.94
CA ARG A 161 -13.42 22.48 -12.08
C ARG A 161 -14.04 22.98 -10.76
N SER A 162 -14.14 22.10 -9.77
CA SER A 162 -14.69 22.46 -8.46
C SER A 162 -13.81 21.90 -7.36
N TYR A 163 -13.68 22.66 -6.27
CA TYR A 163 -12.77 22.27 -5.19
C TYR A 163 -13.32 21.11 -4.36
N SER A 164 -14.60 21.18 -3.96
CA SER A 164 -15.29 20.12 -3.23
C SER A 164 -14.56 19.78 -1.92
N PHE A 165 -14.53 20.76 -1.03
CA PHE A 165 -13.89 20.59 0.27
C PHE A 165 -14.73 19.71 1.19
N ARG A 166 -14.04 18.95 2.04
CA ARG A 166 -14.65 18.12 3.07
C ARG A 166 -13.84 18.27 4.35
N PRO A 167 -14.48 18.08 5.52
CA PRO A 167 -13.75 18.28 6.78
C PRO A 167 -12.70 17.22 7.07
N THR A 168 -12.75 16.07 6.41
CA THR A 168 -11.84 14.97 6.71
C THR A 168 -10.55 15.03 5.89
N TYR A 169 -10.40 16.00 5.00
CA TYR A 169 -9.20 16.11 4.18
C TYR A 169 -7.99 16.43 5.05
N GLY A 170 -6.81 16.31 4.45
CA GLY A 170 -5.61 16.77 5.09
C GLY A 170 -5.47 18.27 5.03
N VAL A 171 -4.57 18.81 5.87
CA VAL A 171 -4.39 20.26 5.91
C VAL A 171 -3.93 20.79 4.58
N GLY A 172 -3.28 19.96 3.77
CA GLY A 172 -2.88 20.38 2.43
C GLY A 172 -4.03 20.59 1.47
N HIS A 173 -5.22 20.08 1.80
CA HIS A 173 -6.38 20.21 0.94
C HIS A 173 -7.56 20.90 1.61
N GLN A 174 -7.37 21.43 2.81
CA GLN A 174 -8.42 22.16 3.49
C GLN A 174 -8.49 23.59 2.96
N PRO A 175 -9.66 24.23 3.05
CA PRO A 175 -9.80 25.57 2.46
C PRO A 175 -9.15 26.64 3.31
N TYR A 176 -8.33 27.48 2.67
CA TYR A 176 -7.71 28.63 3.31
C TYR A 176 -8.24 29.90 2.66
N ARG A 177 -8.61 30.87 3.50
CA ARG A 177 -9.09 32.16 3.02
C ARG A 177 -7.92 33.11 2.89
N VAL A 178 -7.83 33.80 1.75
CA VAL A 178 -6.71 34.66 1.41
C VAL A 178 -7.22 36.05 1.09
N VAL A 179 -6.58 37.06 1.69
CA VAL A 179 -6.82 38.47 1.43
C VAL A 179 -5.48 39.10 1.07
N VAL A 180 -5.45 39.80 -0.06
CA VAL A 180 -4.25 40.49 -0.53
C VAL A 180 -4.50 41.98 -0.42
N LEU A 181 -3.69 42.65 0.39
CA LEU A 181 -3.76 44.10 0.57
C LEU A 181 -2.64 44.70 -0.27
N SER A 182 -2.96 45.04 -1.51
CA SER A 182 -2.05 45.80 -2.33
C SER A 182 -2.08 47.27 -1.93
N PHE A 183 -0.90 47.88 -1.88
CA PHE A 183 -0.78 49.30 -1.59
C PHE A 183 -0.42 50.04 -2.87
N GLU A 184 -0.66 51.35 -2.87
CA GLU A 184 -0.28 52.15 -4.03
C GLU A 184 -0.10 53.59 -3.59
N LEU A 185 1.07 54.15 -3.90
CA LEU A 185 1.40 55.55 -3.66
C LEU A 185 1.88 56.14 -4.99
N LEU A 186 1.06 57.01 -5.57
CA LEU A 186 1.35 57.63 -6.86
C LEU A 186 2.32 58.80 -6.71
N HIS A 187 2.38 59.66 -7.71
CA HIS A 187 3.31 60.78 -7.72
C HIS A 187 2.98 61.78 -6.61
N ALA A 188 3.29 61.40 -5.36
CA ALA A 188 3.13 62.20 -4.15
C ALA A 188 1.68 62.55 -3.80
N PRO A 189 0.79 61.57 -3.59
CA PRO A 189 -0.50 61.86 -2.95
C PRO A 189 -0.48 61.58 -1.46
N ALA A 190 -1.55 61.94 -0.76
CA ALA A 190 -1.60 61.83 0.69
C ALA A 190 -2.96 61.30 1.14
N THR A 191 -3.47 60.26 0.49
CA THR A 191 -4.88 59.90 0.64
C THR A 191 -5.14 59.06 1.90
N VAL A 192 -4.57 57.86 1.97
CA VAL A 192 -4.81 56.96 3.10
C VAL A 192 -3.56 56.95 3.98
N CYS A 193 -3.68 57.52 5.17
CA CYS A 193 -2.63 57.48 6.17
C CYS A 193 -3.06 56.63 7.34
N GLY A 194 -2.12 55.88 7.88
CA GLY A 194 -2.40 54.99 9.00
C GLY A 194 -1.55 55.27 10.22
N SER B 1 -1.15 21.38 -33.07
CA SER B 1 -1.38 20.67 -31.83
C SER B 1 -0.77 19.27 -31.87
N THR B 2 0.38 19.12 -31.22
CA THR B 2 1.04 17.82 -31.14
C THR B 2 0.23 16.87 -30.27
N THR B 3 0.41 15.57 -30.50
CA THR B 3 -0.26 14.57 -29.69
C THR B 3 0.17 14.64 -28.23
N GLU B 4 1.41 15.07 -27.97
CA GLU B 4 1.93 15.08 -26.61
C GLU B 4 1.14 16.02 -25.72
N GLU B 5 0.84 17.23 -26.20
CA GLU B 5 0.09 18.18 -25.38
C GLU B 5 -1.37 17.78 -25.24
N GLN B 6 -1.95 17.10 -26.24
CA GLN B 6 -3.29 16.57 -26.08
C GLN B 6 -3.33 15.51 -24.98
N ALA B 7 -2.32 14.64 -24.95
CA ALA B 7 -2.24 13.66 -23.87
C ALA B 7 -2.04 14.34 -22.52
N LYS B 8 -1.22 15.40 -22.50
CA LYS B 8 -1.03 16.15 -21.26
C LYS B 8 -2.35 16.71 -20.74
N THR B 9 -3.14 17.33 -21.62
CA THR B 9 -4.42 17.89 -21.19
C THR B 9 -5.37 16.80 -20.71
N PHE B 10 -5.40 15.67 -21.43
CA PHE B 10 -6.28 14.57 -21.03
C PHE B 10 -5.89 14.04 -19.64
N LEU B 11 -4.59 13.90 -19.38
CA LEU B 11 -4.16 13.41 -18.08
C LEU B 11 -4.40 14.44 -16.98
N GLU B 12 -4.29 15.73 -17.29
CA GLU B 12 -4.59 16.76 -16.30
C GLU B 12 -6.06 16.72 -15.89
N LYS B 13 -6.94 16.46 -16.86
CA LYS B 13 -8.35 16.28 -16.53
C LYS B 13 -8.57 15.00 -15.71
N PHE B 14 -7.94 13.91 -16.14
CA PHE B 14 -8.16 12.61 -15.52
C PHE B 14 -7.72 12.60 -14.05
N ASN B 15 -6.57 13.21 -13.76
CA ASN B 15 -6.11 13.22 -12.37
C ASN B 15 -7.14 13.85 -11.46
N HIS B 16 -7.65 15.02 -11.84
CA HIS B 16 -8.58 15.76 -11.00
C HIS B 16 -9.90 15.01 -10.82
N GLU B 17 -10.40 14.38 -11.89
CA GLU B 17 -11.65 13.64 -11.72
C GLU B 17 -11.45 12.38 -10.88
N ALA B 18 -10.39 11.61 -11.19
CA ALA B 18 -10.16 10.33 -10.55
C ALA B 18 -9.88 10.48 -9.07
N GLU B 19 -9.15 11.53 -8.67
CA GLU B 19 -8.84 11.68 -7.26
C GLU B 19 -10.10 11.82 -6.42
N ASP B 20 -11.03 12.66 -6.88
CA ASP B 20 -12.27 12.87 -6.13
C ASP B 20 -13.12 11.60 -6.10
N LEU B 21 -13.27 10.94 -7.26
CA LEU B 21 -14.09 9.72 -7.28
C LEU B 21 -13.48 8.64 -6.38
N SER B 22 -12.16 8.47 -6.43
CA SER B 22 -11.50 7.48 -5.59
C SER B 22 -11.66 7.81 -4.11
N TYR B 23 -11.54 9.08 -3.75
CA TYR B 23 -11.73 9.44 -2.34
C TYR B 23 -13.14 9.11 -1.87
N GLN B 24 -14.14 9.42 -2.69
CA GLN B 24 -15.51 9.10 -2.29
C GLN B 24 -15.71 7.60 -2.12
N SER B 25 -15.18 6.80 -3.06
CA SER B 25 -15.32 5.35 -2.94
C SER B 25 -14.62 4.83 -1.69
N SER B 26 -13.41 5.31 -1.41
CA SER B 26 -12.66 4.83 -0.25
C SER B 26 -13.35 5.23 1.05
N LEU B 27 -13.91 6.44 1.11
CA LEU B 27 -14.62 6.84 2.32
C LEU B 27 -15.86 5.99 2.54
N ALA B 28 -16.60 5.68 1.47
CA ALA B 28 -17.75 4.80 1.62
C ALA B 28 -17.33 3.42 2.10
N SER B 29 -16.23 2.89 1.56
CA SER B 29 -15.74 1.58 1.99
C SER B 29 -15.33 1.59 3.46
N TRP B 30 -14.64 2.65 3.88
CA TRP B 30 -14.25 2.76 5.30
C TRP B 30 -15.47 2.81 6.19
N ASN B 31 -16.48 3.59 5.80
CA ASN B 31 -17.70 3.67 6.61
C ASN B 31 -18.37 2.31 6.72
N TYR B 32 -18.43 1.55 5.62
CA TYR B 32 -18.99 0.20 5.70
C TYR B 32 -18.16 -0.68 6.63
N ASN B 33 -16.84 -0.63 6.50
CA ASN B 33 -15.99 -1.54 7.27
C ASN B 33 -16.05 -1.25 8.77
N THR B 34 -16.15 0.02 9.15
CA THR B 34 -16.26 0.38 10.56
C THR B 34 -17.71 0.49 11.03
N ASN B 35 -18.67 0.22 10.15
CA ASN B 35 -20.08 0.24 10.51
C ASN B 35 -20.83 -0.75 9.62
N ILE B 36 -21.04 -1.97 10.10
CA ILE B 36 -21.57 -3.04 9.25
C ILE B 36 -23.09 -3.06 9.31
N THR B 37 -23.72 -2.28 8.44
CA THR B 37 -25.17 -2.30 8.25
C THR B 37 -25.45 -2.28 6.75
N ASP B 38 -26.63 -2.78 6.38
CA ASP B 38 -26.95 -2.95 4.97
C ASP B 38 -26.95 -1.63 4.23
N GLU B 39 -27.35 -0.54 4.90
CA GLU B 39 -27.35 0.78 4.27
C GLU B 39 -25.94 1.17 3.83
N ASN B 40 -24.95 0.99 4.71
CA ASN B 40 -23.57 1.25 4.34
C ASN B 40 -23.12 0.36 3.20
N VAL B 41 -23.62 -0.88 3.16
CA VAL B 41 -23.29 -1.76 2.04
C VAL B 41 -23.82 -1.20 0.73
N GLN B 42 -25.05 -0.67 0.75
CA GLN B 42 -25.61 -0.05 -0.44
C GLN B 42 -24.77 1.13 -0.89
N LYS B 43 -24.39 2.00 0.06
CA LYS B 43 -23.59 3.17 -0.30
C LYS B 43 -22.25 2.76 -0.89
N MET B 44 -21.60 1.76 -0.28
CA MET B 44 -20.31 1.29 -0.78
C MET B 44 -20.44 0.72 -2.18
N ASN B 45 -21.48 -0.09 -2.41
CA ASN B 45 -21.67 -0.69 -3.73
C ASN B 45 -21.91 0.37 -4.79
N GLU B 46 -22.73 1.38 -4.46
CA GLU B 46 -22.98 2.45 -5.43
C GLU B 46 -21.71 3.22 -5.75
N ALA B 47 -20.91 3.56 -4.74
CA ALA B 47 -19.67 4.30 -4.99
C ALA B 47 -18.70 3.46 -5.83
N ARG B 48 -18.58 2.17 -5.52
CA ARG B 48 -17.70 1.31 -6.30
C ARG B 48 -18.16 1.19 -7.74
N ALA B 49 -19.48 1.10 -7.95
CA ALA B 49 -20.01 1.04 -9.32
C ALA B 49 -19.69 2.32 -10.08
N LYS B 50 -19.85 3.48 -9.43
CA LYS B 50 -19.53 4.74 -10.09
C LYS B 50 -18.05 4.79 -10.47
N TRP B 51 -17.18 4.40 -9.55
CA TRP B 51 -15.74 4.43 -9.84
C TRP B 51 -15.41 3.49 -11.00
N SER B 52 -16.01 2.29 -10.99
CA SER B 52 -15.73 1.33 -12.06
C SER B 52 -16.18 1.86 -13.41
N ALA B 53 -17.37 2.46 -13.47
CA ALA B 53 -17.85 3.00 -14.74
C ALA B 53 -16.94 4.12 -15.25
N PHE B 54 -16.54 5.02 -14.35
CA PHE B 54 -15.67 6.11 -14.76
C PHE B 54 -14.33 5.59 -15.26
N TYR B 55 -13.74 4.63 -14.54
CA TYR B 55 -12.45 4.09 -14.95
C TYR B 55 -12.56 3.38 -16.30
N GLU B 56 -13.65 2.65 -16.52
CA GLU B 56 -13.83 1.95 -17.80
C GLU B 56 -13.92 2.95 -18.94
N GLU B 57 -14.71 4.02 -18.77
CA GLU B 57 -14.84 4.97 -19.87
C GLU B 57 -13.53 5.71 -20.13
N GLN B 58 -12.78 6.05 -19.07
CA GLN B 58 -11.51 6.72 -19.26
C GLN B 58 -10.50 5.80 -19.94
N SER B 59 -10.49 4.52 -19.57
CA SER B 59 -9.59 3.57 -20.21
C SER B 59 -9.94 3.40 -21.69
N ARG B 60 -11.23 3.40 -22.02
CA ARG B 60 -11.62 3.34 -23.42
C ARG B 60 -11.15 4.57 -24.17
N MET B 61 -11.29 5.75 -23.57
CA MET B 61 -10.86 6.98 -24.25
C MET B 61 -9.36 7.03 -24.42
N ALA B 62 -8.60 6.55 -23.44
CA ALA B 62 -7.15 6.72 -23.46
C ALA B 62 -6.47 6.02 -24.62
N LYS B 63 -7.11 5.01 -25.21
CA LYS B 63 -6.48 4.25 -26.27
C LYS B 63 -6.33 5.07 -27.55
N THR B 64 -7.21 6.05 -27.75
CA THR B 64 -7.18 6.88 -28.95
C THR B 64 -5.80 7.48 -29.20
N TYR B 65 -5.16 7.99 -28.17
CA TYR B 65 -3.80 8.50 -28.29
C TYR B 65 -2.83 7.32 -28.43
N SER B 66 -2.10 7.30 -29.54
CA SER B 66 -1.17 6.20 -29.79
C SER B 66 -0.03 6.24 -28.78
N LEU B 67 0.40 5.05 -28.34
CA LEU B 67 1.54 4.98 -27.43
C LEU B 67 2.81 5.49 -28.07
N GLU B 68 2.96 5.29 -29.38
CA GLU B 68 4.05 5.91 -30.10
C GLU B 68 3.85 7.42 -30.18
N GLU B 69 4.84 8.11 -30.74
CA GLU B 69 4.83 9.57 -30.85
C GLU B 69 4.81 10.22 -29.47
N ILE B 70 5.36 9.54 -28.47
CA ILE B 70 5.44 10.04 -27.10
C ILE B 70 6.91 10.15 -26.73
N GLN B 71 7.29 11.29 -26.15
CA GLN B 71 8.67 11.57 -25.79
C GLN B 71 8.92 11.52 -24.30
N ASN B 72 8.09 12.20 -23.51
CA ASN B 72 8.27 12.20 -22.06
C ASN B 72 8.06 10.81 -21.49
N LEU B 73 8.94 10.41 -20.59
CA LEU B 73 8.87 9.06 -20.03
C LEU B 73 7.74 8.91 -19.02
N THR B 74 7.54 9.93 -18.18
CA THR B 74 6.48 9.84 -17.17
C THR B 74 5.11 9.76 -17.82
N LEU B 75 4.88 10.57 -18.85
CA LEU B 75 3.60 10.50 -19.56
C LEU B 75 3.41 9.16 -20.23
N LYS B 76 4.48 8.59 -20.79
CA LYS B 76 4.38 7.28 -21.41
C LYS B 76 4.02 6.21 -20.38
N ARG B 77 4.66 6.25 -19.21
CA ARG B 77 4.32 5.28 -18.17
C ARG B 77 2.88 5.45 -17.70
N GLN B 78 2.43 6.70 -17.54
CA GLN B 78 1.06 6.93 -17.09
C GLN B 78 0.04 6.44 -18.12
N LEU B 79 0.30 6.71 -19.40
CA LEU B 79 -0.62 6.26 -20.44
C LEU B 79 -0.60 4.74 -20.58
N LYS B 80 0.57 4.12 -20.44
CA LYS B 80 0.63 2.67 -20.49
C LYS B 80 -0.13 2.05 -19.33
N ALA B 81 0.00 2.62 -18.14
CA ALA B 81 -0.74 2.13 -16.99
C ALA B 81 -2.25 2.28 -17.19
N LEU B 82 -2.67 3.40 -17.78
CA LEU B 82 -4.10 3.63 -17.97
C LEU B 82 -4.67 2.78 -19.10
N GLN B 83 -3.87 2.49 -20.13
CA GLN B 83 -4.38 1.85 -21.33
C GLN B 83 -4.66 0.36 -21.15
N GLN B 84 -4.07 -0.29 -20.17
CA GLN B 84 -4.30 -1.72 -19.96
C GLN B 84 -5.77 -1.97 -19.70
N SER B 85 -6.38 -2.79 -20.56
CA SER B 85 -7.82 -3.01 -20.55
C SER B 85 -8.23 -4.29 -19.85
N GLY B 86 -7.28 -5.14 -19.47
CA GLY B 86 -7.61 -6.34 -18.74
C GLY B 86 -8.46 -7.30 -19.55
N THR B 87 -9.61 -7.68 -18.98
CA THR B 87 -10.47 -8.71 -19.55
C THR B 87 -11.56 -8.14 -20.45
N SER B 88 -11.57 -6.83 -20.71
CA SER B 88 -12.60 -6.26 -21.57
C SER B 88 -12.50 -6.76 -22.99
N VAL B 89 -11.31 -7.22 -23.40
CA VAL B 89 -11.10 -7.66 -24.78
C VAL B 89 -11.99 -8.87 -25.11
N LEU B 90 -12.32 -9.67 -24.11
CA LEU B 90 -13.17 -10.84 -24.34
C LEU B 90 -14.56 -10.42 -24.78
N SER B 91 -15.19 -11.28 -25.57
CA SER B 91 -16.50 -10.97 -26.13
C SER B 91 -17.57 -11.05 -25.05
N ALA B 92 -18.82 -10.73 -25.44
CA ALA B 92 -19.92 -10.75 -24.50
C ALA B 92 -20.17 -12.16 -23.98
N GLU B 93 -20.10 -13.17 -24.85
CA GLU B 93 -20.36 -14.55 -24.44
C GLU B 93 -19.34 -15.01 -23.40
N LYS B 94 -18.06 -14.73 -23.63
CA LYS B 94 -17.02 -15.31 -22.79
C LYS B 94 -16.87 -14.58 -21.47
N SER B 95 -17.09 -13.27 -21.45
CA SER B 95 -16.92 -12.51 -20.20
C SER B 95 -17.91 -12.96 -19.15
N LYS B 96 -19.18 -13.15 -19.52
CA LYS B 96 -20.17 -13.61 -18.57
C LYS B 96 -19.85 -15.00 -18.06
N ARG B 97 -19.38 -15.89 -18.95
CA ARG B 97 -18.98 -17.23 -18.53
C ARG B 97 -17.84 -17.17 -17.54
N LEU B 98 -16.83 -16.32 -17.80
CA LEU B 98 -15.70 -16.20 -16.89
C LEU B 98 -16.12 -15.67 -15.53
N ASN B 99 -16.99 -14.65 -15.52
CA ASN B 99 -17.47 -14.12 -14.25
C ASN B 99 -18.26 -15.16 -13.48
N THR B 100 -19.11 -15.93 -14.18
CA THR B 100 -19.86 -16.99 -13.52
C THR B 100 -18.93 -18.05 -12.94
N ILE B 101 -17.90 -18.43 -13.70
CA ILE B 101 -16.96 -19.44 -13.21
C ILE B 101 -16.24 -18.95 -11.97
N LEU B 102 -15.75 -17.71 -11.99
CA LEU B 102 -15.05 -17.17 -10.83
C LEU B 102 -15.96 -17.09 -9.61
N ASN B 103 -17.19 -16.61 -9.79
CA ASN B 103 -18.13 -16.54 -8.68
C ASN B 103 -18.46 -17.92 -8.14
N THR B 104 -18.64 -18.89 -9.03
CA THR B 104 -18.96 -20.25 -8.60
C THR B 104 -17.81 -20.84 -7.79
N MET B 105 -16.58 -20.66 -8.25
CA MET B 105 -15.43 -21.18 -7.52
C MET B 105 -15.31 -20.51 -6.16
N SER B 106 -15.49 -19.19 -6.11
CA SER B 106 -15.40 -18.48 -4.83
C SER B 106 -16.48 -18.97 -3.86
N THR B 107 -17.70 -19.13 -4.34
CA THR B 107 -18.79 -19.60 -3.48
C THR B 107 -18.54 -21.03 -3.00
N ILE B 108 -18.06 -21.90 -3.89
CA ILE B 108 -17.80 -23.28 -3.51
C ILE B 108 -16.71 -23.34 -2.45
N TYR B 109 -15.64 -22.56 -2.61
CA TYR B 109 -14.59 -22.54 -1.60
C TYR B 109 -15.10 -21.98 -0.28
N SER B 110 -15.88 -20.89 -0.33
CA SER B 110 -16.40 -20.29 0.89
C SER B 110 -17.35 -21.23 1.61
N THR B 111 -18.22 -21.92 0.86
CA THR B 111 -19.18 -22.86 1.43
C THR B 111 -18.49 -24.20 1.64
N GLY B 112 -17.65 -24.26 2.67
CA GLY B 112 -16.92 -25.46 3.01
C GLY B 112 -17.60 -26.20 4.14
N LYS B 113 -17.71 -27.52 3.99
CA LYS B 113 -18.35 -28.36 5.00
C LYS B 113 -17.91 -29.79 4.80
N VAL B 114 -17.25 -30.37 5.80
CA VAL B 114 -16.84 -31.76 5.80
C VAL B 114 -17.42 -32.43 7.03
N LEU B 115 -18.13 -33.53 6.83
CA LEU B 115 -18.75 -34.25 7.93
C LEU B 115 -17.72 -35.08 8.68
N ASP B 116 -18.08 -35.47 9.91
CA ASP B 116 -17.20 -36.16 10.82
C ASP B 116 -17.75 -37.55 11.14
N PRO B 117 -16.89 -38.47 11.57
CA PRO B 117 -17.37 -39.79 11.98
C PRO B 117 -18.33 -39.69 13.16
N ASN B 118 -19.26 -40.64 13.24
CA ASN B 118 -20.34 -40.73 14.21
C ASN B 118 -21.43 -39.70 13.96
N THR B 119 -21.34 -38.93 12.86
CA THR B 119 -22.32 -37.89 12.52
C THR B 119 -22.50 -36.92 13.68
N GLN B 120 -21.38 -36.56 14.33
CA GLN B 120 -21.44 -35.69 15.49
C GLN B 120 -21.93 -34.29 15.11
N GLU B 121 -21.31 -33.68 14.11
CA GLU B 121 -21.58 -32.30 13.74
C GLU B 121 -21.26 -32.13 12.26
N CYS B 122 -21.19 -30.87 11.82
CA CYS B 122 -20.75 -30.52 10.48
C CYS B 122 -19.69 -29.43 10.61
N LEU B 123 -18.51 -29.69 10.08
CA LEU B 123 -17.35 -28.83 10.29
C LEU B 123 -17.02 -28.08 9.02
N ALA B 124 -16.96 -26.75 9.12
CA ALA B 124 -16.51 -25.91 8.02
C ALA B 124 -14.98 -25.79 8.06
N LEU B 125 -14.42 -25.06 7.11
CA LEU B 125 -12.98 -24.82 7.11
C LEU B 125 -12.56 -24.08 8.37
N GLU B 126 -13.32 -23.06 8.76
CA GLU B 126 -13.12 -22.36 10.01
C GLU B 126 -14.38 -22.43 10.86
N PRO B 127 -14.25 -22.63 12.18
CA PRO B 127 -12.97 -22.85 12.86
C PRO B 127 -12.72 -24.33 13.20
N GLY B 128 -13.50 -25.23 12.61
CA GLY B 128 -13.39 -26.64 12.94
C GLY B 128 -12.16 -27.32 12.36
N LEU B 129 -12.10 -27.43 11.04
CA LEU B 129 -10.98 -28.09 10.39
C LEU B 129 -9.67 -27.35 10.67
N ASP B 130 -9.73 -26.02 10.71
CA ASP B 130 -8.52 -25.24 10.99
C ASP B 130 -7.97 -25.56 12.37
N ASP B 131 -8.84 -25.59 13.38
CA ASP B 131 -8.40 -25.91 14.74
C ASP B 131 -7.90 -27.35 14.82
N ILE B 132 -8.57 -28.28 14.14
CA ILE B 132 -8.15 -29.67 14.17
C ILE B 132 -6.75 -29.80 13.58
N MET B 133 -6.49 -29.14 12.45
CA MET B 133 -5.17 -29.21 11.84
C MET B 133 -4.12 -28.52 12.70
N GLU B 134 -4.47 -27.40 13.33
CA GLU B 134 -3.48 -26.63 14.08
C GLU B 134 -3.10 -27.30 15.39
N ASN B 135 -4.06 -27.94 16.06
CA ASN B 135 -3.84 -28.41 17.42
C ASN B 135 -3.73 -29.91 17.59
N SER B 136 -4.49 -30.71 16.83
CA SER B 136 -4.51 -32.14 17.04
C SER B 136 -3.16 -32.77 16.72
N ARG B 137 -2.77 -33.77 17.50
CA ARG B 137 -1.55 -34.53 17.29
C ARG B 137 -1.84 -36.00 17.03
N ASP B 138 -3.05 -36.31 16.57
CA ASP B 138 -3.46 -37.69 16.28
C ASP B 138 -3.38 -37.90 14.77
N TYR B 139 -2.63 -38.94 14.37
CA TYR B 139 -2.42 -39.20 12.96
C TYR B 139 -3.74 -39.43 12.22
N ASN B 140 -4.63 -40.22 12.82
CA ASN B 140 -5.88 -40.58 12.16
C ASN B 140 -6.78 -39.36 11.95
N ARG B 141 -6.94 -38.54 12.99
CA ARG B 141 -7.82 -37.37 12.87
C ARG B 141 -7.30 -36.39 11.83
N ARG B 142 -6.00 -36.10 11.86
CA ARG B 142 -5.44 -35.17 10.88
C ARG B 142 -5.55 -35.72 9.48
N LEU B 143 -5.28 -37.02 9.29
CA LEU B 143 -5.41 -37.61 7.97
C LEU B 143 -6.84 -37.54 7.47
N TRP B 144 -7.81 -37.85 8.33
CA TRP B 144 -9.21 -37.79 7.92
C TRP B 144 -9.63 -36.38 7.54
N ALA B 145 -9.26 -35.39 8.37
CA ALA B 145 -9.64 -34.01 8.07
C ALA B 145 -9.00 -33.54 6.76
N TRP B 146 -7.71 -33.84 6.58
CA TRP B 146 -7.02 -33.44 5.35
C TRP B 146 -7.66 -34.08 4.13
N GLU B 147 -7.93 -35.38 4.19
CA GLU B 147 -8.51 -36.08 3.04
C GLU B 147 -9.91 -35.56 2.74
N GLY B 148 -10.73 -35.35 3.78
CA GLY B 148 -12.07 -34.86 3.54
C GLY B 148 -12.09 -33.47 2.94
N TRP B 149 -11.29 -32.56 3.50
CA TRP B 149 -11.25 -31.21 2.95
C TRP B 149 -10.69 -31.21 1.53
N ARG B 150 -9.73 -32.08 1.24
CA ARG B 150 -9.21 -32.16 -0.12
C ARG B 150 -10.28 -32.64 -1.08
N ALA B 151 -10.93 -33.77 -0.77
CA ALA B 151 -11.84 -34.39 -1.71
C ALA B 151 -13.10 -33.56 -1.92
N GLU B 152 -13.76 -33.15 -0.83
CA GLU B 152 -15.07 -32.52 -0.94
C GLU B 152 -15.01 -31.24 -1.76
N VAL B 153 -13.85 -30.59 -1.81
CA VAL B 153 -13.71 -29.36 -2.58
C VAL B 153 -13.12 -29.63 -3.96
N GLY B 154 -12.07 -30.45 -4.04
CA GLY B 154 -11.40 -30.67 -5.30
C GLY B 154 -12.26 -31.39 -6.32
N LYS B 155 -13.08 -32.34 -5.87
CA LYS B 155 -13.94 -33.07 -6.79
C LYS B 155 -14.90 -32.11 -7.51
N GLN B 156 -15.45 -31.13 -6.79
CA GLN B 156 -16.29 -30.13 -7.43
C GLN B 156 -15.47 -29.16 -8.27
N LEU B 157 -14.30 -28.75 -7.78
CA LEU B 157 -13.55 -27.69 -8.44
C LEU B 157 -12.81 -28.13 -9.70
N ARG B 158 -12.58 -29.43 -9.88
CA ARG B 158 -11.78 -29.89 -11.00
C ARG B 158 -12.34 -29.48 -12.36
N PRO B 159 -13.62 -29.72 -12.70
CA PRO B 159 -14.08 -29.38 -14.05
C PRO B 159 -13.99 -27.89 -14.38
N LEU B 160 -14.22 -27.02 -13.40
CA LEU B 160 -14.24 -25.57 -13.66
C LEU B 160 -12.85 -25.04 -14.02
N TYR B 161 -11.80 -25.63 -13.45
CA TYR B 161 -10.48 -25.05 -13.56
C TYR B 161 -9.96 -25.11 -15.00
N GLU B 162 -10.26 -26.19 -15.72
CA GLU B 162 -9.79 -26.30 -17.10
C GLU B 162 -10.42 -25.23 -17.99
N GLU B 163 -11.73 -25.03 -17.85
CA GLU B 163 -12.40 -23.98 -18.62
C GLU B 163 -11.88 -22.61 -18.23
N TYR B 164 -11.63 -22.39 -16.93
CA TYR B 164 -11.04 -21.13 -16.49
C TYR B 164 -9.69 -20.90 -17.14
N VAL B 165 -8.85 -21.93 -17.17
CA VAL B 165 -7.52 -21.82 -17.78
C VAL B 165 -7.64 -21.48 -19.26
N VAL B 166 -8.55 -22.16 -19.96
CA VAL B 166 -8.72 -21.92 -21.39
C VAL B 166 -9.16 -20.48 -21.64
N LEU B 167 -10.15 -20.01 -20.88
CA LEU B 167 -10.66 -18.66 -21.07
C LEU B 167 -9.58 -17.62 -20.76
N GLU B 168 -8.88 -17.78 -19.65
CA GLU B 168 -7.83 -16.82 -19.30
C GLU B 168 -6.69 -16.84 -20.31
N ASN B 169 -6.35 -18.02 -20.83
CA ASN B 169 -5.33 -18.09 -21.87
C ASN B 169 -5.77 -17.34 -23.12
N GLU B 170 -7.01 -17.56 -23.55
CA GLU B 170 -7.53 -16.82 -24.70
C GLU B 170 -7.47 -15.31 -24.46
N MET B 171 -7.86 -14.88 -23.26
CA MET B 171 -7.84 -13.46 -22.94
C MET B 171 -6.43 -12.90 -23.03
N ALA B 172 -5.46 -13.64 -22.48
CA ALA B 172 -4.07 -13.20 -22.53
C ALA B 172 -3.57 -13.15 -23.98
N ARG B 173 -3.94 -14.14 -24.79
CA ARG B 173 -3.54 -14.15 -26.19
C ARG B 173 -4.08 -12.93 -26.91
N ALA B 174 -5.32 -12.54 -26.63
CA ALA B 174 -5.89 -11.36 -27.25
C ALA B 174 -5.10 -10.10 -26.93
N ASN B 175 -4.61 -9.99 -25.70
CA ASN B 175 -3.84 -8.83 -25.26
C ASN B 175 -2.37 -8.89 -25.66
N ASN B 176 -1.99 -9.76 -26.59
CA ASN B 176 -0.64 -9.92 -27.12
C ASN B 176 0.30 -10.59 -26.12
N TYR B 177 -0.21 -11.09 -25.00
CA TYR B 177 0.59 -11.87 -24.07
C TYR B 177 0.49 -13.35 -24.44
N GLU B 178 1.61 -14.07 -24.35
CA GLU B 178 1.65 -15.45 -24.80
C GLU B 178 0.63 -16.31 -24.07
N ASP B 179 0.54 -16.15 -22.75
CA ASP B 179 -0.43 -16.89 -21.95
C ASP B 179 -0.64 -16.15 -20.64
N TYR B 180 -1.45 -16.73 -19.76
CA TYR B 180 -1.78 -16.08 -18.50
C TYR B 180 -0.54 -15.93 -17.62
N GLY B 181 0.37 -16.90 -17.67
CA GLY B 181 1.60 -16.79 -16.90
C GLY B 181 2.43 -15.59 -17.32
N ASP B 182 2.54 -15.35 -18.63
CA ASP B 182 3.25 -14.16 -19.11
C ASP B 182 2.56 -12.88 -18.64
N TYR B 183 1.23 -12.87 -18.66
CA TYR B 183 0.50 -11.70 -18.17
C TYR B 183 0.78 -11.45 -16.70
N TRP B 184 0.84 -12.52 -15.91
CA TRP B 184 1.13 -12.37 -14.48
C TRP B 184 2.56 -11.91 -14.24
N ARG B 185 3.51 -12.41 -15.04
CA ARG B 185 4.90 -11.99 -14.89
C ARG B 185 5.17 -10.61 -15.46
N GLY B 186 4.24 -10.06 -16.24
CA GLY B 186 4.41 -8.73 -16.77
C GLY B 186 4.34 -7.60 -15.76
N ASP B 187 4.30 -7.91 -14.47
CA ASP B 187 4.34 -6.91 -13.42
C ASP B 187 5.76 -6.54 -13.02
N TYR B 188 6.76 -7.25 -13.54
CA TYR B 188 8.17 -6.99 -13.25
C TYR B 188 8.92 -6.61 -14.52
N GLU B 189 8.28 -5.86 -15.40
CA GLU B 189 8.82 -5.55 -16.72
C GLU B 189 9.17 -4.07 -16.82
N VAL B 190 10.38 -3.78 -17.27
CA VAL B 190 10.86 -2.43 -17.46
C VAL B 190 11.33 -2.29 -18.91
N THR B 191 10.84 -1.28 -19.61
CA THR B 191 11.16 -1.06 -21.00
C THR B 191 11.70 0.35 -21.21
N GLU B 192 12.59 0.49 -22.19
CA GLU B 192 13.15 1.75 -22.69
C GLU B 192 14.09 2.41 -21.71
N ALA B 193 14.62 1.69 -20.71
CA ALA B 193 15.57 2.24 -19.74
C ALA B 193 16.82 1.35 -19.77
N GLY B 194 17.80 1.75 -20.56
CA GLY B 194 19.02 0.96 -20.67
C GLY B 194 19.71 0.82 -19.33
N ASP B 195 20.26 -0.37 -19.07
CA ASP B 195 20.91 -0.79 -17.83
C ASP B 195 19.93 -0.93 -16.67
N TYR B 196 18.64 -0.61 -16.88
CA TYR B 196 17.61 -0.81 -15.89
C TYR B 196 16.45 -1.61 -16.48
N ASP B 197 16.75 -2.50 -17.42
CA ASP B 197 15.74 -3.24 -18.15
C ASP B 197 15.52 -4.61 -17.50
N TYR B 198 14.27 -5.06 -17.54
CA TYR B 198 13.89 -6.36 -17.03
C TYR B 198 12.91 -6.99 -18.01
N SER B 199 12.90 -8.32 -18.03
CA SER B 199 12.03 -9.07 -18.93
C SER B 199 11.25 -10.11 -18.16
N ARG B 200 10.08 -10.47 -18.70
CA ARG B 200 9.23 -11.45 -18.03
C ARG B 200 9.91 -12.82 -17.95
N ASP B 201 10.81 -13.13 -18.89
CA ASP B 201 11.48 -14.43 -18.87
C ASP B 201 12.55 -14.49 -17.79
N GLN B 202 13.29 -13.39 -17.60
CA GLN B 202 14.41 -13.39 -16.65
C GLN B 202 13.95 -13.61 -15.21
N LEU B 203 12.69 -13.31 -14.90
CA LEU B 203 12.20 -13.49 -13.54
C LEU B 203 12.26 -14.97 -13.13
N MET B 204 11.91 -15.87 -14.04
CA MET B 204 11.96 -17.29 -13.72
C MET B 204 13.39 -17.73 -13.40
N LYS B 205 14.35 -17.28 -14.21
CA LYS B 205 15.75 -17.65 -13.94
C LYS B 205 16.24 -17.07 -12.63
N ASP B 206 15.85 -15.83 -12.33
CA ASP B 206 16.26 -15.22 -11.05
C ASP B 206 15.68 -16.01 -9.87
N VAL B 207 14.41 -16.39 -9.96
CA VAL B 207 13.79 -17.15 -8.88
C VAL B 207 14.47 -18.50 -8.73
N GLU B 208 14.78 -19.16 -9.85
CA GLU B 208 15.44 -20.46 -9.79
C GLU B 208 16.80 -20.35 -9.14
N ASN B 209 17.58 -19.34 -9.52
CA ASN B 209 18.91 -19.17 -8.93
C ASN B 209 18.82 -18.86 -7.44
N THR B 210 17.90 -17.99 -7.05
CA THR B 210 17.76 -17.66 -5.63
C THR B 210 17.36 -18.89 -4.83
N PHE B 211 16.43 -19.69 -5.34
CA PHE B 211 16.02 -20.90 -4.62
C PHE B 211 17.16 -21.92 -4.56
N ALA B 212 17.94 -22.03 -5.63
CA ALA B 212 19.08 -22.93 -5.61
C ALA B 212 20.09 -22.52 -4.56
N GLU B 213 20.28 -21.21 -4.37
CA GLU B 213 21.14 -20.75 -3.30
C GLU B 213 20.52 -21.01 -1.92
N ILE B 214 19.20 -20.89 -1.82
CA ILE B 214 18.52 -21.08 -0.54
C ILE B 214 18.57 -22.53 -0.10
N LYS B 215 18.56 -23.47 -1.04
CA LYS B 215 18.23 -24.86 -0.74
C LYS B 215 18.99 -25.51 0.42
N PRO B 216 20.31 -25.35 0.58
CA PRO B 216 20.99 -26.07 1.68
C PRO B 216 20.45 -25.77 3.07
N LEU B 217 20.13 -24.50 3.34
CA LEU B 217 19.60 -24.16 4.65
C LEU B 217 18.23 -24.80 4.88
N TYR B 218 17.38 -24.78 3.86
CA TYR B 218 16.10 -25.46 3.95
C TYR B 218 16.27 -26.95 4.15
N GLU B 219 17.28 -27.55 3.51
CA GLU B 219 17.53 -28.98 3.71
C GLU B 219 17.91 -29.27 5.16
N GLN B 220 18.79 -28.46 5.74
CA GLN B 220 19.16 -28.66 7.13
C GLN B 220 17.96 -28.49 8.05
N LEU B 221 17.15 -27.45 7.82
CA LEU B 221 15.97 -27.23 8.65
C LEU B 221 14.97 -28.37 8.51
N HIS B 222 14.75 -28.86 7.29
CA HIS B 222 13.83 -29.96 7.06
C HIS B 222 14.32 -31.24 7.71
N ALA B 223 15.62 -31.51 7.64
CA ALA B 223 16.17 -32.68 8.32
C ALA B 223 15.97 -32.59 9.83
N TYR B 224 16.20 -31.41 10.41
CA TYR B 224 15.99 -31.24 11.84
C TYR B 224 14.53 -31.45 12.21
N VAL B 225 13.61 -30.89 11.42
CA VAL B 225 12.18 -31.03 11.71
C VAL B 225 11.75 -32.48 11.57
N ARG B 226 12.28 -33.19 10.59
CA ARG B 226 11.97 -34.62 10.44
C ARG B 226 12.48 -35.41 11.64
N ALA B 227 13.70 -35.11 12.08
CA ALA B 227 14.25 -35.81 13.25
C ALA B 227 13.39 -35.55 14.48
N LYS B 228 12.94 -34.31 14.67
CA LYS B 228 12.11 -34.00 15.83
C LYS B 228 10.71 -34.61 15.72
N LEU B 229 10.16 -34.72 14.51
CA LEU B 229 8.86 -35.33 14.32
C LEU B 229 8.91 -36.85 14.40
N MET B 230 10.09 -37.44 14.27
CA MET B 230 10.23 -38.88 14.43
C MET B 230 9.71 -39.34 15.78
N ASP B 231 9.94 -38.54 16.83
CA ASP B 231 9.53 -38.93 18.18
C ASP B 231 8.02 -39.14 18.27
N THR B 232 7.24 -38.19 17.74
CA THR B 232 5.79 -38.25 17.89
C THR B 232 5.20 -39.43 17.11
N TYR B 233 5.67 -39.67 15.89
CA TYR B 233 5.15 -40.73 15.03
C TYR B 233 6.29 -41.61 14.55
N PRO B 234 6.86 -42.43 15.43
CA PRO B 234 7.99 -43.29 15.01
C PRO B 234 7.63 -44.25 13.90
N SER B 235 6.42 -44.81 13.91
CA SER B 235 6.06 -45.81 12.92
C SER B 235 5.79 -45.19 11.56
N TYR B 236 5.19 -44.00 11.54
CA TYR B 236 4.66 -43.42 10.31
C TYR B 236 5.67 -42.64 9.49
N ILE B 237 6.86 -42.35 10.03
CA ILE B 237 7.81 -41.46 9.38
C ILE B 237 9.11 -42.22 9.11
N SER B 238 9.51 -42.27 7.84
CA SER B 238 10.79 -42.86 7.49
C SER B 238 11.93 -41.90 7.86
N PRO B 239 13.06 -42.43 8.34
CA PRO B 239 14.18 -41.54 8.70
C PRO B 239 14.74 -40.76 7.53
N THR B 240 14.75 -41.34 6.33
CA THR B 240 15.33 -40.72 5.14
C THR B 240 14.30 -40.58 4.04
N GLY B 241 13.09 -40.16 4.39
CA GLY B 241 12.02 -39.99 3.43
C GLY B 241 11.33 -38.64 3.58
N CYS B 242 10.39 -38.38 2.68
CA CYS B 242 9.63 -37.15 2.73
C CYS B 242 8.63 -37.18 3.87
N LEU B 243 8.26 -35.99 4.36
CA LEU B 243 7.33 -35.89 5.47
C LEU B 243 5.90 -36.03 4.99
N PRO B 244 5.02 -36.59 5.83
CA PRO B 244 3.59 -36.64 5.47
C PRO B 244 3.01 -35.24 5.32
N ALA B 245 2.12 -35.09 4.34
CA ALA B 245 1.55 -33.78 4.05
C ALA B 245 0.67 -33.28 5.18
N HIS B 246 -0.08 -34.18 5.82
CA HIS B 246 -1.07 -33.79 6.82
C HIS B 246 -0.48 -33.55 8.20
N LEU B 247 0.82 -33.76 8.39
CA LEU B 247 1.47 -33.60 9.68
C LEU B 247 2.35 -32.35 9.75
N LEU B 248 2.11 -31.36 8.88
CA LEU B 248 2.97 -30.20 8.78
C LEU B 248 2.44 -28.99 9.56
N GLY B 249 1.42 -29.18 10.39
CA GLY B 249 0.97 -28.12 11.27
C GLY B 249 -0.09 -27.20 10.70
N ASP B 250 -0.56 -27.42 9.48
CA ASP B 250 -1.62 -26.62 8.90
C ASP B 250 -2.24 -27.39 7.75
N MET B 251 -3.30 -26.83 7.18
CA MET B 251 -4.07 -27.54 6.15
C MET B 251 -3.24 -27.80 4.90
N TRP B 252 -2.48 -26.79 4.45
CA TRP B 252 -1.75 -26.90 3.19
C TRP B 252 -0.25 -27.07 3.36
N GLY B 253 0.32 -26.63 4.48
CA GLY B 253 1.75 -26.59 4.64
C GLY B 253 2.39 -25.27 4.27
N ARG B 254 1.60 -24.20 4.12
CA ARG B 254 2.15 -22.90 3.76
C ARG B 254 3.10 -22.39 4.84
N PHE B 255 2.74 -22.56 6.11
CA PHE B 255 3.58 -22.16 7.22
C PHE B 255 3.87 -23.37 8.11
N TRP B 256 5.00 -23.30 8.81
CA TRP B 256 5.41 -24.32 9.76
C TRP B 256 5.44 -23.80 11.19
N THR B 257 4.74 -22.69 11.46
CA THR B 257 4.80 -22.07 12.79
C THR B 257 4.23 -22.99 13.86
N ASN B 258 3.13 -23.66 13.57
CA ASN B 258 2.44 -24.47 14.59
C ASN B 258 3.28 -25.66 15.04
N LEU B 259 4.34 -26.00 14.33
CA LEU B 259 5.24 -27.07 14.74
C LEU B 259 6.29 -26.61 15.73
N TYR B 260 6.24 -25.35 16.17
CA TYR B 260 7.26 -24.84 17.10
C TYR B 260 7.21 -25.58 18.43
N SER B 261 6.01 -25.82 18.96
CA SER B 261 5.88 -26.41 20.29
C SER B 261 6.56 -27.78 20.35
N LEU B 262 6.42 -28.58 19.29
CA LEU B 262 7.10 -29.87 19.25
C LEU B 262 8.61 -29.69 19.17
N THR B 263 9.08 -28.70 18.39
CA THR B 263 10.47 -28.65 17.97
C THR B 263 11.25 -27.48 18.60
N VAL B 264 10.82 -27.00 19.76
CA VAL B 264 11.55 -25.94 20.45
C VAL B 264 12.88 -26.52 20.93
N PRO B 265 14.02 -25.92 20.57
CA PRO B 265 15.32 -26.46 20.99
C PRO B 265 15.47 -26.57 22.50
N PHE B 266 15.26 -25.48 23.22
CA PHE B 266 15.42 -25.43 24.67
C PHE B 266 14.07 -25.11 25.30
N LYS B 267 13.40 -26.12 25.82
CA LYS B 267 12.08 -25.92 26.42
C LYS B 267 12.18 -25.14 27.73
N HIS B 268 13.27 -25.36 28.48
CA HIS B 268 13.41 -24.69 29.78
C HIS B 268 13.49 -23.18 29.62
N LYS B 269 14.24 -22.71 28.64
CA LYS B 269 14.36 -21.27 28.42
C LYS B 269 13.06 -20.71 27.88
N PRO B 270 12.51 -19.65 28.46
CA PRO B 270 11.30 -19.04 27.94
C PRO B 270 11.61 -17.98 26.88
N SER B 271 10.55 -17.54 26.22
CA SER B 271 10.66 -16.50 25.21
C SER B 271 10.57 -15.12 25.86
N ILE B 272 10.86 -14.09 25.07
CA ILE B 272 10.83 -12.71 25.54
C ILE B 272 9.43 -12.16 25.29
N ASP B 273 8.65 -12.01 26.35
CA ASP B 273 7.31 -11.43 26.28
C ASP B 273 7.19 -10.32 27.30
N VAL B 274 6.62 -9.20 26.89
CA VAL B 274 6.51 -8.03 27.75
C VAL B 274 5.04 -7.66 27.99
N THR B 275 4.13 -8.62 27.86
CA THR B 275 2.73 -8.35 28.13
C THR B 275 2.50 -8.01 29.60
N GLU B 276 3.15 -8.75 30.50
CA GLU B 276 2.97 -8.50 31.92
C GLU B 276 3.43 -7.11 32.32
N LYS B 277 4.58 -6.67 31.78
CA LYS B 277 5.06 -5.32 32.09
C LYS B 277 4.09 -4.26 31.58
N MET B 278 3.56 -4.44 30.37
CA MET B 278 2.60 -3.50 29.83
C MET B 278 1.33 -3.43 30.68
N LYS B 279 0.85 -4.59 31.13
CA LYS B 279 -0.31 -4.61 32.01
C LYS B 279 0.01 -3.93 33.35
N ASN B 280 1.19 -4.18 33.89
CA ASN B 280 1.56 -3.61 35.19
C ASN B 280 1.75 -2.10 35.12
N GLN B 281 2.13 -1.57 33.96
CA GLN B 281 2.34 -0.14 33.79
C GLN B 281 1.13 0.56 33.19
N SER B 282 -0.01 -0.13 33.09
CA SER B 282 -1.27 0.45 32.62
C SER B 282 -1.16 0.98 31.19
N TRP B 283 -0.40 0.29 30.34
CA TRP B 283 -0.34 0.65 28.93
C TRP B 283 -1.71 0.50 28.29
N ASP B 284 -2.24 1.60 27.77
CA ASP B 284 -3.54 1.59 27.10
C ASP B 284 -3.35 1.46 25.60
N ALA B 285 -4.44 1.58 24.85
CA ALA B 285 -4.37 1.43 23.39
C ALA B 285 -3.57 2.56 22.75
N GLU B 286 -3.76 3.80 23.23
CA GLU B 286 -3.12 4.94 22.59
C GLU B 286 -1.60 4.93 22.79
N ARG B 287 -1.13 4.44 23.94
CA ARG B 287 0.29 4.47 24.25
C ARG B 287 1.11 3.72 23.21
N ILE B 288 0.58 2.61 22.69
CA ILE B 288 1.33 1.80 21.73
C ILE B 288 1.59 2.58 20.44
N PHE B 289 0.54 3.23 19.92
CA PHE B 289 0.72 4.03 18.72
C PHE B 289 1.56 5.26 19.00
N LYS B 290 1.48 5.80 20.21
CA LYS B 290 2.35 6.91 20.58
C LYS B 290 3.82 6.50 20.53
N GLU B 291 4.13 5.31 21.04
CA GLU B 291 5.51 4.83 21.01
C GLU B 291 5.96 4.51 19.59
N ALA B 292 5.05 3.98 18.76
CA ALA B 292 5.40 3.75 17.36
C ALA B 292 5.73 5.06 16.65
N GLU B 293 4.92 6.10 16.89
CA GLU B 293 5.21 7.41 16.32
C GLU B 293 6.52 7.95 16.86
N LYS B 294 6.81 7.71 18.14
CA LYS B 294 8.09 8.14 18.70
C LYS B 294 9.26 7.46 18.00
N PHE B 295 9.14 6.16 17.73
CA PHE B 295 10.18 5.44 17.00
C PHE B 295 10.38 6.02 15.60
N PHE B 296 9.29 6.27 14.89
CA PHE B 296 9.43 6.81 13.53
C PHE B 296 9.99 8.23 13.53
N VAL B 297 9.65 9.04 14.54
CA VAL B 297 10.29 10.33 14.70
C VAL B 297 11.78 10.15 14.99
N SER B 298 12.13 9.13 15.77
CA SER B 298 13.53 8.84 16.07
C SER B 298 14.32 8.57 14.79
N ILE B 299 13.73 7.81 13.87
CA ILE B 299 14.41 7.55 12.59
C ILE B 299 14.42 8.81 11.73
N SER B 300 13.79 9.89 12.23
CA SER B 300 13.68 11.22 11.59
C SER B 300 12.62 11.25 10.50
N LEU B 301 11.79 10.21 10.37
CA LEU B 301 10.65 10.28 9.48
C LEU B 301 9.61 11.23 10.07
N PRO B 302 8.71 11.76 9.23
CA PRO B 302 7.79 12.80 9.71
C PRO B 302 6.82 12.27 10.78
N HIS B 303 6.11 13.21 11.40
CA HIS B 303 5.16 12.91 12.45
C HIS B 303 3.87 12.35 11.84
N MET B 304 2.86 12.15 12.68
CA MET B 304 1.54 11.75 12.24
C MET B 304 0.62 12.97 12.20
N THR B 305 -0.25 13.00 11.19
CA THR B 305 -1.17 14.11 11.03
C THR B 305 -2.15 14.16 12.21
N GLN B 306 -2.88 15.27 12.29
CA GLN B 306 -3.91 15.42 13.31
C GLN B 306 -5.24 14.81 12.88
N GLY B 307 -5.34 14.30 11.65
CA GLY B 307 -6.50 13.56 11.24
C GLY B 307 -6.33 12.08 11.55
N PHE B 308 -5.08 11.64 11.68
CA PHE B 308 -4.81 10.27 12.05
C PHE B 308 -5.30 9.97 13.47
N TRP B 309 -5.05 10.89 14.41
CA TRP B 309 -5.42 10.64 15.79
C TRP B 309 -6.92 10.78 16.04
N ASP B 310 -7.57 11.69 15.33
CA ASP B 310 -8.98 11.98 15.60
C ASP B 310 -9.94 11.02 14.90
N ASN B 311 -9.58 10.53 13.71
CA ASN B 311 -10.52 9.77 12.89
C ASN B 311 -10.26 8.27 12.88
N SER B 312 -9.07 7.83 13.26
CA SER B 312 -8.76 6.40 13.19
C SER B 312 -9.51 5.65 14.29
N MET B 313 -9.61 4.33 14.09
CA MET B 313 -10.20 3.43 15.07
C MET B 313 -9.06 2.58 15.63
N LEU B 314 -8.44 3.05 16.70
CA LEU B 314 -7.28 2.41 17.30
C LEU B 314 -7.67 1.44 18.40
N THR B 315 -8.96 1.18 18.59
CA THR B 315 -9.43 0.21 19.56
C THR B 315 -10.83 -0.21 19.17
N GLU B 316 -11.26 -1.36 19.68
CA GLU B 316 -12.61 -1.80 19.45
C GLU B 316 -13.58 -0.77 20.01
N PRO B 317 -14.66 -0.44 19.29
CA PRO B 317 -15.53 0.67 19.73
C PRO B 317 -16.10 0.48 21.12
N GLY B 318 -16.49 -0.73 21.49
CA GLY B 318 -17.16 -0.98 22.74
C GLY B 318 -18.66 -0.77 22.70
N ASP B 319 -19.17 -0.16 21.64
CA ASP B 319 -20.60 0.04 21.45
C ASP B 319 -21.19 -1.15 20.70
N GLY B 320 -22.45 -1.04 20.28
CA GLY B 320 -23.06 -2.10 19.51
C GLY B 320 -22.56 -2.21 18.08
N ARG B 321 -21.84 -1.19 17.60
CA ARG B 321 -21.38 -1.18 16.22
C ARG B 321 -20.48 -2.37 15.94
N LYS B 322 -20.76 -3.08 14.85
CA LYS B 322 -20.03 -4.27 14.46
C LYS B 322 -18.94 -3.90 13.46
N VAL B 323 -17.74 -4.43 13.67
CA VAL B 323 -16.57 -4.07 12.88
C VAL B 323 -15.87 -5.34 12.41
N VAL B 324 -15.03 -5.17 11.39
CA VAL B 324 -14.08 -6.21 10.98
C VAL B 324 -12.74 -5.90 11.65
N CYS B 325 -12.29 -6.80 12.50
CA CYS B 325 -11.11 -6.53 13.34
C CYS B 325 -9.79 -6.81 12.64
N HIS B 326 -9.80 -7.11 11.36
CA HIS B 326 -8.54 -7.30 10.64
C HIS B 326 -7.78 -5.98 10.58
N PRO B 327 -6.53 -5.94 11.07
CA PRO B 327 -5.80 -4.67 11.12
C PRO B 327 -5.37 -4.23 9.72
N THR B 328 -5.81 -3.03 9.33
CA THR B 328 -5.47 -2.47 8.03
C THR B 328 -5.04 -1.02 8.17
N ALA B 329 -4.23 -0.58 7.22
CA ALA B 329 -3.82 0.81 7.11
C ALA B 329 -4.50 1.41 5.90
N TRP B 330 -5.25 2.49 6.11
CA TRP B 330 -6.05 3.13 5.07
C TRP B 330 -5.38 4.41 4.60
N ASP B 331 -5.34 4.58 3.29
CA ASP B 331 -4.87 5.80 2.64
C ASP B 331 -6.03 6.24 1.77
N LEU B 332 -6.97 6.99 2.35
CA LEU B 332 -8.19 7.34 1.63
C LEU B 332 -7.89 8.30 0.47
N GLY B 333 -6.87 9.13 0.62
CA GLY B 333 -6.53 10.13 -0.38
C GLY B 333 -6.81 11.53 0.11
N LYS B 334 -6.22 12.49 -0.61
CA LYS B 334 -6.35 13.91 -0.31
C LYS B 334 -5.88 14.25 1.09
N GLY B 335 -4.94 13.49 1.64
CA GLY B 335 -4.38 13.75 2.94
C GLY B 335 -4.99 12.99 4.09
N ASP B 336 -5.83 12.00 3.82
CA ASP B 336 -6.51 11.24 4.88
C ASP B 336 -5.81 9.89 5.05
N PHE B 337 -5.15 9.72 6.18
CA PHE B 337 -4.48 8.47 6.54
C PHE B 337 -5.06 7.98 7.86
N ARG B 338 -5.49 6.71 7.89
CA ARG B 338 -6.13 6.14 9.06
C ARG B 338 -5.60 4.73 9.28
N ILE B 339 -5.86 4.21 10.48
CA ILE B 339 -5.53 2.83 10.81
C ILE B 339 -6.73 2.21 11.51
N LYS B 340 -7.15 1.03 11.04
CA LYS B 340 -8.24 0.29 11.65
C LYS B 340 -7.67 -0.96 12.31
N MET B 341 -7.93 -1.11 13.61
CA MET B 341 -7.34 -2.22 14.37
C MET B 341 -8.01 -2.37 15.73
N CYS B 342 -8.35 -3.60 16.11
CA CYS B 342 -8.95 -3.88 17.41
C CYS B 342 -7.82 -4.17 18.40
N THR B 343 -7.20 -3.10 18.87
CA THR B 343 -5.98 -3.22 19.66
C THR B 343 -6.24 -3.87 21.01
N LYS B 344 -5.34 -4.77 21.40
CA LYS B 344 -5.29 -5.34 22.74
C LYS B 344 -3.89 -5.10 23.29
N VAL B 345 -3.77 -5.15 24.62
CA VAL B 345 -2.51 -4.79 25.29
C VAL B 345 -1.66 -6.06 25.28
N THR B 346 -0.98 -6.28 24.15
CA THR B 346 -0.08 -7.41 23.98
C THR B 346 1.12 -6.97 23.15
N MET B 347 2.17 -7.80 23.20
CA MET B 347 3.36 -7.53 22.39
C MET B 347 3.08 -7.73 20.90
N ASP B 348 2.21 -8.67 20.55
CA ASP B 348 1.87 -8.89 19.16
C ASP B 348 1.21 -7.65 18.56
N ASP B 349 0.32 -7.01 19.31
CA ASP B 349 -0.29 -5.77 18.82
C ASP B 349 0.71 -4.63 18.78
N PHE B 350 1.71 -4.63 19.68
CA PHE B 350 2.82 -3.69 19.58
C PHE B 350 3.52 -3.80 18.24
N LEU B 351 3.91 -5.02 17.87
CA LEU B 351 4.60 -5.22 16.59
C LEU B 351 3.67 -4.92 15.40
N THR B 352 2.40 -5.29 15.50
CA THR B 352 1.45 -5.00 14.44
C THR B 352 1.25 -3.50 14.27
N ALA B 353 1.24 -2.74 15.37
CA ALA B 353 1.16 -1.29 15.28
C ALA B 353 2.38 -0.72 14.57
N HIS B 354 3.56 -1.25 14.88
CA HIS B 354 4.76 -0.81 14.18
C HIS B 354 4.65 -1.10 12.67
N HIS B 355 4.16 -2.27 12.32
CA HIS B 355 4.00 -2.65 10.92
C HIS B 355 3.05 -1.71 10.18
N GLU B 356 1.87 -1.49 10.76
CA GLU B 356 0.89 -0.63 10.11
C GLU B 356 1.37 0.81 10.04
N MET B 357 2.12 1.27 11.05
CA MET B 357 2.70 2.60 10.98
C MET B 357 3.74 2.70 9.87
N GLY B 358 4.50 1.63 9.63
CA GLY B 358 5.38 1.62 8.47
C GLY B 358 4.64 1.72 7.15
N HIS B 359 3.50 1.04 7.05
CA HIS B 359 2.67 1.18 5.85
C HIS B 359 2.15 2.61 5.69
N ILE B 360 1.73 3.23 6.80
CA ILE B 360 1.24 4.61 6.74
C ILE B 360 2.38 5.56 6.36
N GLN B 361 3.59 5.29 6.84
CA GLN B 361 4.73 6.12 6.47
C GLN B 361 5.03 6.04 4.99
N TYR B 362 4.96 4.83 4.42
CA TYR B 362 5.14 4.70 2.97
C TYR B 362 4.06 5.48 2.22
N ASP B 363 2.80 5.36 2.67
CA ASP B 363 1.70 6.06 2.02
C ASP B 363 1.89 7.58 2.07
N MET B 364 2.30 8.10 3.23
CA MET B 364 2.55 9.53 3.36
C MET B 364 3.76 9.95 2.52
N ALA B 365 4.74 9.07 2.36
CA ALA B 365 5.94 9.42 1.61
C ALA B 365 5.65 9.61 0.13
N TYR B 366 4.92 8.67 -0.48
CA TYR B 366 4.73 8.78 -1.93
C TYR B 366 3.51 9.61 -2.33
N ALA B 367 3.07 10.53 -1.46
CA ALA B 367 1.85 11.29 -1.75
C ALA B 367 2.04 12.35 -2.83
N ALA B 368 3.27 12.79 -3.07
CA ALA B 368 3.50 13.89 -4.00
C ALA B 368 3.16 13.50 -5.44
N GLN B 369 3.38 12.24 -5.80
CA GLN B 369 3.25 11.75 -7.17
C GLN B 369 1.83 11.92 -7.71
N PRO B 370 1.63 11.78 -9.03
CA PRO B 370 0.26 11.82 -9.57
C PRO B 370 -0.57 10.63 -9.11
N TYR B 371 -1.84 10.58 -9.51
CA TYR B 371 -2.72 9.52 -9.02
C TYR B 371 -2.29 8.15 -9.53
N LEU B 372 -1.91 8.05 -10.80
CA LEU B 372 -1.58 6.76 -11.40
C LEU B 372 -0.18 6.28 -11.04
N LEU B 373 0.54 7.01 -10.19
CA LEU B 373 1.90 6.65 -9.80
C LEU B 373 2.06 6.71 -8.29
N ARG B 374 1.06 6.21 -7.57
CA ARG B 374 1.07 6.22 -6.10
C ARG B 374 0.86 4.78 -5.62
N ASP B 375 1.96 4.03 -5.51
CA ASP B 375 1.95 2.65 -5.07
C ASP B 375 3.40 2.22 -4.90
N GLY B 376 3.59 0.98 -4.46
CA GLY B 376 4.94 0.45 -4.36
C GLY B 376 5.58 0.28 -5.72
N ALA B 377 6.92 0.26 -5.74
CA ALA B 377 7.65 0.14 -6.99
C ALA B 377 7.24 -1.10 -7.77
N ASN B 378 7.11 -2.23 -7.07
CA ASN B 378 6.48 -3.43 -7.62
C ASN B 378 5.48 -3.95 -6.61
N GLU B 379 4.87 -5.09 -6.93
CA GLU B 379 3.84 -5.66 -6.05
C GLU B 379 4.40 -6.16 -4.73
N GLY B 380 5.72 -6.37 -4.63
CA GLY B 380 6.33 -6.86 -3.42
C GLY B 380 7.05 -5.83 -2.58
N PHE B 381 7.07 -4.57 -2.98
CA PHE B 381 7.82 -3.54 -2.25
C PHE B 381 7.08 -3.10 -0.99
N HIS B 382 5.75 -3.07 -1.02
CA HIS B 382 5.00 -2.40 0.03
C HIS B 382 5.06 -3.13 1.37
N GLU B 383 5.21 -4.45 1.36
CA GLU B 383 5.18 -5.20 2.61
C GLU B 383 6.55 -5.35 3.25
N ALA B 384 7.63 -5.25 2.48
CA ALA B 384 8.97 -5.31 3.06
C ALA B 384 9.23 -4.15 4.00
N VAL B 385 8.78 -2.95 3.61
CA VAL B 385 8.93 -1.77 4.45
C VAL B 385 8.20 -1.96 5.77
N GLY B 386 7.02 -2.58 5.73
CA GLY B 386 6.31 -2.88 6.96
C GLY B 386 7.03 -3.92 7.79
N GLU B 387 7.61 -4.93 7.15
CA GLU B 387 8.23 -6.03 7.87
C GLU B 387 9.52 -5.61 8.57
N ILE B 388 10.30 -4.73 7.95
CA ILE B 388 11.57 -4.32 8.57
C ILE B 388 11.32 -3.57 9.87
N MET B 389 10.24 -2.79 9.94
CA MET B 389 9.94 -2.05 11.17
C MET B 389 9.62 -3.01 12.32
N SER B 390 8.82 -4.04 12.05
CA SER B 390 8.55 -5.04 13.08
C SER B 390 9.78 -5.88 13.40
N LEU B 391 10.71 -6.00 12.46
CA LEU B 391 11.99 -6.63 12.76
C LEU B 391 12.77 -5.79 13.76
N SER B 392 12.83 -4.48 13.54
CA SER B 392 13.58 -3.60 14.44
C SER B 392 12.91 -3.51 15.81
N ALA B 393 11.57 -3.50 15.85
CA ALA B 393 10.84 -3.26 17.08
C ALA B 393 10.74 -4.49 17.98
N ALA B 394 11.55 -5.53 17.75
CA ALA B 394 11.52 -6.73 18.56
C ALA B 394 12.84 -7.04 19.23
N THR B 395 13.91 -6.33 18.90
CA THR B 395 15.20 -6.58 19.52
C THR B 395 15.16 -6.24 21.00
N PRO B 396 15.89 -6.97 21.85
CA PRO B 396 15.91 -6.63 23.28
C PRO B 396 16.45 -5.25 23.56
N HIS B 397 17.28 -4.69 22.68
CA HIS B 397 17.80 -3.34 22.90
C HIS B 397 16.68 -2.31 22.90
N TYR B 398 15.76 -2.42 21.93
CA TYR B 398 14.64 -1.50 21.87
C TYR B 398 13.75 -1.62 23.09
N LEU B 399 13.44 -2.86 23.50
CA LEU B 399 12.58 -3.09 24.66
C LEU B 399 13.25 -2.72 25.96
N LYS B 400 14.58 -2.63 25.99
CA LYS B 400 15.27 -2.11 27.16
C LYS B 400 15.26 -0.59 27.16
N ALA B 401 15.44 0.03 25.99
CA ALA B 401 15.37 1.48 25.90
C ALA B 401 13.99 1.99 26.28
N LEU B 402 12.93 1.33 25.82
CA LEU B 402 11.58 1.78 26.12
C LEU B 402 11.19 1.60 27.58
N GLY B 403 11.96 0.84 28.36
CA GLY B 403 11.67 0.63 29.76
C GLY B 403 10.84 -0.60 30.06
N LEU B 404 10.48 -1.39 29.06
CA LEU B 404 9.76 -2.63 29.31
C LEU B 404 10.69 -3.69 29.88
N LEU B 405 11.73 -4.05 29.12
CA LEU B 405 12.73 -4.98 29.62
C LEU B 405 13.63 -4.31 30.64
N GLU B 406 13.94 -5.02 31.72
CA GLU B 406 14.72 -4.45 32.80
C GLU B 406 16.16 -4.19 32.35
N PRO B 407 16.80 -3.15 32.87
CA PRO B 407 18.17 -2.83 32.43
C PRO B 407 19.18 -3.95 32.68
N ASP B 408 19.00 -4.75 33.73
CA ASP B 408 19.91 -5.84 34.04
C ASP B 408 19.62 -7.10 33.23
N PHE B 409 18.88 -6.98 32.14
CA PHE B 409 18.56 -8.15 31.31
C PHE B 409 19.83 -8.72 30.70
N TYR B 410 19.92 -10.04 30.69
CA TYR B 410 21.08 -10.76 30.16
C TYR B 410 20.61 -11.68 29.03
N GLU B 411 21.26 -11.56 27.88
CA GLU B 411 20.91 -12.36 26.71
C GLU B 411 21.58 -13.73 26.77
N ASP B 412 20.82 -14.77 26.44
CA ASP B 412 21.32 -16.12 26.40
C ASP B 412 21.48 -16.56 24.94
N ASN B 413 22.51 -17.37 24.69
CA ASN B 413 22.66 -17.97 23.37
C ASN B 413 21.49 -18.87 23.04
N GLU B 414 20.97 -19.60 24.04
CA GLU B 414 19.86 -20.51 23.81
C GLU B 414 18.58 -19.77 23.45
N THR B 415 18.29 -18.68 24.14
CA THR B 415 17.08 -17.90 23.83
C THR B 415 17.16 -17.31 22.43
N GLU B 416 18.33 -16.81 22.05
CA GLU B 416 18.52 -16.30 20.69
C GLU B 416 18.36 -17.42 19.66
N ILE B 417 18.86 -18.61 19.97
CA ILE B 417 18.69 -19.74 19.07
C ILE B 417 17.22 -20.08 18.92
N ASN B 418 16.46 -20.05 20.01
CA ASN B 418 15.02 -20.33 19.92
C ASN B 418 14.30 -19.28 19.08
N PHE B 419 14.63 -18.00 19.28
CA PHE B 419 14.02 -16.95 18.48
C PHE B 419 14.35 -17.12 17.01
N LEU B 420 15.61 -17.42 16.69
CA LEU B 420 15.99 -17.65 15.30
C LEU B 420 15.30 -18.88 14.74
N LEU B 421 15.09 -19.90 15.56
CA LEU B 421 14.40 -21.10 15.09
C LEU B 421 12.95 -20.80 14.72
N LYS B 422 12.26 -20.03 15.57
CA LYS B 422 10.88 -19.67 15.25
C LYS B 422 10.82 -18.80 14.00
N GLN B 423 11.72 -17.81 13.90
CA GLN B 423 11.76 -16.96 12.72
C GLN B 423 12.06 -17.79 11.47
N ALA B 424 13.00 -18.73 11.57
CA ALA B 424 13.35 -19.57 10.43
C ALA B 424 12.18 -20.44 10.00
N LEU B 425 11.48 -21.04 10.97
CA LEU B 425 10.27 -21.78 10.61
C LEU B 425 9.33 -20.90 9.80
N THR B 426 8.92 -19.77 10.39
CA THR B 426 7.89 -18.94 9.75
C THR B 426 8.33 -18.43 8.39
N ILE B 427 9.60 -18.03 8.25
CA ILE B 427 10.04 -17.36 7.03
C ILE B 427 10.45 -18.36 5.96
N VAL B 428 11.14 -19.44 6.32
CA VAL B 428 11.71 -20.35 5.34
C VAL B 428 10.77 -21.50 4.97
N GLY B 429 9.80 -21.83 5.80
CA GLY B 429 8.86 -22.88 5.43
C GLY B 429 8.08 -22.56 4.16
N THR B 430 7.71 -21.29 4.01
CA THR B 430 6.83 -20.88 2.91
C THR B 430 7.56 -20.72 1.58
N LEU B 431 8.88 -20.53 1.58
CA LEU B 431 9.57 -20.26 0.32
C LEU B 431 9.51 -21.42 -0.67
N PRO B 432 9.90 -22.66 -0.31
CA PRO B 432 9.76 -23.75 -1.29
C PRO B 432 8.34 -23.97 -1.73
N PHE B 433 7.38 -23.86 -0.81
CA PHE B 433 5.98 -24.06 -1.16
C PHE B 433 5.51 -23.02 -2.17
N THR B 434 5.85 -21.76 -1.91
CA THR B 434 5.45 -20.68 -2.82
C THR B 434 6.08 -20.85 -4.19
N TYR B 435 7.38 -21.13 -4.23
CA TYR B 435 8.07 -21.30 -5.50
C TYR B 435 7.50 -22.47 -6.28
N MET B 436 7.27 -23.61 -5.60
CA MET B 436 6.74 -24.78 -6.28
C MET B 436 5.33 -24.53 -6.81
N LEU B 437 4.48 -23.89 -6.02
CA LEU B 437 3.11 -23.63 -6.48
C LEU B 437 3.10 -22.69 -7.68
N GLU B 438 3.90 -21.64 -7.63
CA GLU B 438 3.92 -20.72 -8.76
C GLU B 438 4.53 -21.36 -9.99
N LYS B 439 5.55 -22.20 -9.82
CA LYS B 439 6.11 -22.92 -10.96
C LYS B 439 5.08 -23.86 -11.58
N TRP B 440 4.31 -24.56 -10.75
CA TRP B 440 3.28 -25.46 -11.26
C TRP B 440 2.22 -24.68 -12.03
N ARG B 441 1.77 -23.55 -11.50
CA ARG B 441 0.75 -22.78 -12.20
C ARG B 441 1.30 -22.21 -13.51
N TRP B 442 2.56 -21.75 -13.52
CA TRP B 442 3.17 -21.29 -14.76
C TRP B 442 3.24 -22.40 -15.79
N MET B 443 3.64 -23.61 -15.37
CA MET B 443 3.72 -24.72 -16.31
C MET B 443 2.34 -25.10 -16.84
N VAL B 444 1.32 -25.08 -15.98
CA VAL B 444 -0.03 -25.39 -16.43
C VAL B 444 -0.50 -24.37 -17.46
N PHE B 445 -0.27 -23.08 -17.19
CA PHE B 445 -0.72 -22.05 -18.12
C PHE B 445 0.03 -22.13 -19.44
N LYS B 446 1.35 -22.42 -19.39
CA LYS B 446 2.12 -22.52 -20.62
C LYS B 446 1.77 -23.74 -21.45
N GLY B 447 0.98 -24.68 -20.90
CA GLY B 447 0.61 -25.87 -21.63
C GLY B 447 1.64 -26.98 -21.63
N GLU B 448 2.73 -26.83 -20.89
CA GLU B 448 3.75 -27.88 -20.84
C GLU B 448 3.30 -29.10 -20.04
N ILE B 449 2.17 -29.01 -19.34
CA ILE B 449 1.62 -30.11 -18.58
C ILE B 449 0.30 -30.52 -19.22
N PRO B 450 0.16 -31.75 -19.72
CA PRO B 450 -1.13 -32.17 -20.27
C PRO B 450 -2.18 -32.30 -19.19
N LYS B 451 -3.43 -32.27 -19.62
CA LYS B 451 -4.56 -32.27 -18.69
C LYS B 451 -4.68 -33.54 -17.88
N GLU B 452 -3.97 -34.61 -18.26
CA GLU B 452 -3.99 -35.85 -17.52
C GLU B 452 -2.84 -35.99 -16.52
N GLN B 453 -2.01 -34.96 -16.40
CA GLN B 453 -0.88 -34.97 -15.47
C GLN B 453 -0.97 -33.86 -14.42
N TRP B 454 -2.13 -33.21 -14.29
CA TRP B 454 -2.26 -32.11 -13.33
C TRP B 454 -2.04 -32.57 -11.89
N MET B 455 -2.20 -33.86 -11.61
CA MET B 455 -1.98 -34.38 -10.27
C MET B 455 -0.72 -35.22 -10.15
N GLU B 456 -0.27 -35.83 -11.24
CA GLU B 456 1.02 -36.52 -11.21
C GLU B 456 2.17 -35.53 -11.12
N LYS B 457 2.15 -34.49 -11.95
CA LYS B 457 3.23 -33.52 -11.96
C LYS B 457 3.25 -32.70 -10.67
N TRP B 458 2.07 -32.37 -10.14
CA TRP B 458 2.01 -31.60 -8.90
C TRP B 458 2.72 -32.33 -7.76
N TRP B 459 2.35 -33.60 -7.54
CA TRP B 459 2.96 -34.34 -6.45
C TRP B 459 4.42 -34.69 -6.76
N GLU B 460 4.76 -34.88 -8.04
CA GLU B 460 6.16 -35.13 -8.39
C GLU B 460 7.02 -33.92 -8.03
N MET B 461 6.56 -32.72 -8.39
CA MET B 461 7.30 -31.51 -8.04
C MET B 461 7.34 -31.30 -6.53
N LYS B 462 6.25 -31.64 -5.83
CA LYS B 462 6.24 -31.51 -4.38
C LYS B 462 7.26 -32.46 -3.75
N ARG B 463 7.36 -33.68 -4.26
CA ARG B 463 8.36 -34.62 -3.78
C ARG B 463 9.77 -34.09 -4.04
N GLU B 464 10.02 -33.60 -5.26
CA GLU B 464 11.37 -33.21 -5.64
C GLU B 464 11.84 -31.97 -4.90
N ILE B 465 11.01 -30.93 -4.87
CA ILE B 465 11.43 -29.62 -4.39
C ILE B 465 11.08 -29.44 -2.92
N VAL B 466 9.79 -29.51 -2.59
CA VAL B 466 9.35 -29.18 -1.24
C VAL B 466 9.85 -30.22 -0.23
N GLY B 467 9.88 -31.48 -0.63
CA GLY B 467 10.22 -32.54 0.30
C GLY B 467 9.04 -33.16 0.99
N VAL B 468 7.84 -33.03 0.44
CA VAL B 468 6.61 -33.54 1.04
C VAL B 468 6.00 -34.56 0.09
N VAL B 469 5.34 -35.57 0.65
CA VAL B 469 4.74 -36.66 -0.11
C VAL B 469 3.29 -36.81 0.30
N GLU B 470 2.46 -37.18 -0.67
CA GLU B 470 1.03 -37.32 -0.40
C GLU B 470 0.77 -38.51 0.52
N PRO B 471 -0.20 -38.41 1.43
CA PRO B 471 -0.52 -39.56 2.27
C PRO B 471 -1.19 -40.69 1.50
N LEU B 472 -2.13 -40.36 0.61
CA LEU B 472 -2.85 -41.36 -0.17
C LEU B 472 -2.83 -40.97 -1.64
N PRO B 473 -2.79 -41.95 -2.55
CA PRO B 473 -2.78 -41.63 -3.98
C PRO B 473 -4.06 -40.93 -4.41
N HIS B 474 -3.92 -40.03 -5.36
CA HIS B 474 -5.04 -39.25 -5.89
C HIS B 474 -5.03 -39.33 -7.41
N ASP B 475 -6.20 -39.52 -7.99
CA ASP B 475 -6.35 -39.55 -9.44
C ASP B 475 -6.68 -38.14 -9.95
N GLU B 476 -7.08 -38.03 -11.21
CA GLU B 476 -7.37 -36.73 -11.80
C GLU B 476 -8.68 -36.13 -11.28
N THR B 477 -9.49 -36.89 -10.55
CA THR B 477 -10.69 -36.32 -9.95
C THR B 477 -10.34 -35.25 -8.93
N TYR B 478 -9.31 -35.49 -8.12
CA TYR B 478 -8.87 -34.51 -7.14
C TYR B 478 -8.15 -33.35 -7.81
N CYS B 479 -8.28 -32.17 -7.20
CA CYS B 479 -7.54 -30.98 -7.61
C CYS B 479 -6.96 -30.37 -6.33
N ASP B 480 -5.79 -30.87 -5.92
CA ASP B 480 -5.17 -30.39 -4.68
C ASP B 480 -4.81 -28.92 -4.70
N PRO B 481 -4.15 -28.38 -5.73
CA PRO B 481 -3.77 -26.96 -5.67
C PRO B 481 -4.95 -26.01 -5.63
N ALA B 482 -6.15 -26.44 -6.02
CA ALA B 482 -7.30 -25.56 -6.02
C ALA B 482 -7.95 -25.42 -4.65
N CYS B 483 -7.53 -26.21 -3.66
CA CYS B 483 -8.07 -26.06 -2.32
C CYS B 483 -7.57 -24.78 -1.66
N LEU B 484 -6.40 -24.30 -2.05
CA LEU B 484 -5.85 -23.08 -1.47
C LEU B 484 -6.71 -21.87 -1.86
N PHE B 485 -6.81 -20.91 -0.93
CA PHE B 485 -7.65 -19.74 -1.14
C PHE B 485 -7.18 -18.92 -2.34
N HIS B 486 -5.87 -18.68 -2.44
CA HIS B 486 -5.34 -17.82 -3.49
C HIS B 486 -5.60 -18.40 -4.88
N VAL B 487 -5.39 -19.71 -5.03
CA VAL B 487 -5.62 -20.34 -6.33
C VAL B 487 -7.10 -20.27 -6.71
N ALA B 488 -7.99 -20.49 -5.74
CA ALA B 488 -9.41 -20.46 -6.00
C ALA B 488 -9.97 -19.05 -6.16
N GLU B 489 -9.21 -18.02 -5.78
CA GLU B 489 -9.66 -16.65 -5.91
C GLU B 489 -8.91 -15.88 -7.01
N ASP B 490 -8.11 -16.57 -7.82
CA ASP B 490 -7.38 -15.97 -8.94
C ASP B 490 -6.47 -14.84 -8.45
N TYR B 491 -5.56 -15.19 -7.55
CA TYR B 491 -4.60 -14.25 -6.98
C TYR B 491 -3.18 -14.66 -7.34
N SER B 492 -2.37 -13.68 -7.70
CA SER B 492 -0.95 -13.93 -7.94
C SER B 492 -0.28 -14.36 -6.64
N PHE B 493 0.58 -15.37 -6.73
CA PHE B 493 1.22 -15.95 -5.56
C PHE B 493 2.74 -15.81 -5.56
N ILE B 494 3.29 -14.94 -6.41
CA ILE B 494 4.73 -14.76 -6.50
C ILE B 494 5.18 -13.49 -5.77
N ARG B 495 4.29 -12.85 -5.04
CA ARG B 495 4.63 -11.67 -4.24
C ARG B 495 4.98 -12.02 -2.81
N TYR B 496 5.04 -13.31 -2.47
CA TYR B 496 5.42 -13.73 -1.13
C TYR B 496 6.85 -14.25 -1.07
N TYR B 497 7.52 -14.35 -2.20
CA TYR B 497 8.92 -14.73 -2.33
C TYR B 497 9.82 -13.50 -2.47
N THR B 498 9.50 -12.66 -3.44
CA THR B 498 10.24 -11.42 -3.65
C THR B 498 10.14 -10.50 -2.44
N ARG B 499 8.97 -10.49 -1.78
CA ARG B 499 8.83 -9.70 -0.57
C ARG B 499 9.79 -10.18 0.51
N THR B 500 9.90 -11.49 0.69
CA THR B 500 10.78 -12.04 1.70
C THR B 500 12.24 -11.71 1.41
N ILE B 501 12.63 -11.76 0.13
CA ILE B 501 14.02 -11.44 -0.21
C ILE B 501 14.29 -9.94 -0.02
N TYR B 502 13.36 -9.09 -0.48
CA TYR B 502 13.55 -7.66 -0.40
C TYR B 502 13.60 -7.18 1.04
N GLN B 503 12.82 -7.82 1.92
CA GLN B 503 12.81 -7.42 3.32
C GLN B 503 14.19 -7.55 3.94
N PHE B 504 14.85 -8.67 3.70
CA PHE B 504 16.18 -8.86 4.28
C PHE B 504 17.25 -8.05 3.57
N GLN B 505 17.09 -7.81 2.25
CA GLN B 505 18.01 -6.89 1.60
C GLN B 505 17.94 -5.50 2.22
N PHE B 506 16.72 -5.00 2.45
CA PHE B 506 16.57 -3.69 3.06
C PHE B 506 17.10 -3.66 4.49
N HIS B 507 16.81 -4.72 5.26
CA HIS B 507 17.25 -4.75 6.64
C HIS B 507 18.75 -5.00 6.79
N GLU B 508 19.43 -5.46 5.74
CA GLU B 508 20.87 -5.49 5.79
C GLU B 508 21.47 -4.16 5.37
N ALA B 509 20.94 -3.54 4.32
CA ALA B 509 21.48 -2.26 3.86
C ALA B 509 21.32 -1.19 4.93
N LEU B 510 20.14 -1.09 5.54
CA LEU B 510 19.91 -0.04 6.53
C LEU B 510 20.74 -0.28 7.79
N CYS B 511 20.86 -1.53 8.24
CA CYS B 511 21.67 -1.81 9.40
C CYS B 511 23.15 -1.53 9.13
N LYS B 512 23.61 -1.81 7.91
CA LYS B 512 24.97 -1.43 7.53
C LYS B 512 25.16 0.07 7.61
N THR B 513 24.26 0.83 7.00
CA THR B 513 24.40 2.29 7.00
C THR B 513 24.14 2.92 8.36
N ALA B 514 23.58 2.17 9.31
CA ALA B 514 23.32 2.69 10.65
C ALA B 514 24.48 2.49 11.60
N ASN B 515 25.62 2.01 11.12
CA ASN B 515 26.83 1.82 11.91
C ASN B 515 26.58 0.89 13.11
N HIS B 516 26.20 -0.33 12.78
CA HIS B 516 25.91 -1.36 13.78
C HIS B 516 27.01 -2.40 13.78
N GLU B 517 27.44 -2.81 14.97
CA GLU B 517 28.45 -3.84 15.15
C GLU B 517 27.81 -5.05 15.81
N GLY B 518 27.89 -6.20 15.14
CA GLY B 518 27.34 -7.42 15.69
C GLY B 518 26.57 -8.25 14.69
N ALA B 519 25.90 -9.30 15.17
CA ALA B 519 25.10 -10.15 14.31
C ALA B 519 23.90 -9.38 13.77
N LEU B 520 23.51 -9.68 12.53
CA LEU B 520 22.44 -8.94 11.88
C LEU B 520 21.11 -9.11 12.59
N PHE B 521 20.85 -10.29 13.15
CA PHE B 521 19.55 -10.54 13.76
C PHE B 521 19.31 -9.73 15.03
N LYS B 522 20.34 -9.06 15.54
CA LYS B 522 20.20 -8.11 16.64
C LYS B 522 20.66 -6.75 16.12
N CYS B 523 19.75 -6.02 15.45
CA CYS B 523 20.05 -4.71 14.91
C CYS B 523 18.90 -3.77 15.21
N ASP B 524 19.23 -2.54 15.55
CA ASP B 524 18.25 -1.49 15.79
C ASP B 524 18.67 -0.24 15.03
N ILE B 525 17.74 0.31 14.24
CA ILE B 525 18.02 1.52 13.48
C ILE B 525 17.43 2.76 14.13
N SER B 526 16.89 2.63 15.34
CA SER B 526 16.39 3.78 16.05
C SER B 526 17.53 4.71 16.45
N ASN B 527 17.21 5.99 16.58
CA ASN B 527 18.18 7.04 16.89
C ASN B 527 19.29 7.14 15.84
N SER B 528 18.98 6.74 14.61
CA SER B 528 19.90 6.88 13.48
C SER B 528 19.20 7.68 12.39
N THR B 529 19.82 8.78 11.98
CA THR B 529 19.22 9.66 10.98
C THR B 529 19.74 9.40 9.57
N GLU B 530 20.82 8.63 9.42
CA GLU B 530 21.27 8.25 8.09
C GLU B 530 20.31 7.25 7.46
N ALA B 531 19.81 6.31 8.25
CA ALA B 531 18.89 5.31 7.74
C ALA B 531 17.58 5.94 7.29
N GLY B 532 17.10 6.94 8.04
CA GLY B 532 15.85 7.59 7.67
C GLY B 532 15.92 8.29 6.33
N GLN B 533 17.04 8.95 6.05
CA GLN B 533 17.19 9.65 4.77
C GLN B 533 17.64 8.73 3.65
N ARG B 534 18.22 7.58 3.97
CA ARG B 534 18.46 6.59 2.92
C ARG B 534 17.17 5.87 2.55
N LEU B 535 16.26 5.72 3.50
CA LEU B 535 14.97 5.10 3.23
C LEU B 535 14.02 6.05 2.52
N LEU B 536 14.01 7.34 2.92
CA LEU B 536 13.12 8.30 2.29
C LEU B 536 13.40 8.49 0.81
N GLN B 537 14.61 8.17 0.35
CA GLN B 537 14.91 8.26 -1.08
C GLN B 537 14.12 7.24 -1.88
N MET B 538 13.82 6.08 -1.29
CA MET B 538 13.06 5.04 -1.97
C MET B 538 11.56 5.18 -1.74
N LEU B 539 11.16 5.59 -0.53
CA LEU B 539 9.73 5.67 -0.21
C LEU B 539 9.02 6.80 -0.94
N SER B 540 9.76 7.78 -1.48
CA SER B 540 9.16 8.95 -2.10
C SER B 540 9.20 8.87 -3.62
N LEU B 541 9.63 7.75 -4.19
CA LEU B 541 9.63 7.59 -5.63
C LEU B 541 8.32 7.02 -6.17
N GLY B 542 7.58 6.28 -5.34
CA GLY B 542 6.34 5.67 -5.82
C GLY B 542 6.61 4.76 -6.99
N LYS B 543 5.87 4.97 -8.07
CA LYS B 543 6.06 4.24 -9.31
C LYS B 543 6.66 5.11 -10.41
N SER B 544 7.24 6.25 -10.04
CA SER B 544 7.77 7.17 -11.04
C SER B 544 9.00 6.60 -11.73
N GLU B 545 9.80 5.83 -11.01
CA GLU B 545 11.04 5.27 -11.53
C GLU B 545 10.94 3.75 -11.58
N PRO B 546 11.74 3.10 -12.43
CA PRO B 546 11.71 1.63 -12.48
C PRO B 546 12.08 1.02 -11.14
N TRP B 547 11.54 -0.17 -10.88
CA TRP B 547 11.79 -0.81 -9.60
C TRP B 547 13.24 -1.23 -9.45
N THR B 548 13.95 -1.44 -10.56
CA THR B 548 15.38 -1.71 -10.48
C THR B 548 16.14 -0.52 -9.88
N LEU B 549 15.82 0.69 -10.35
CA LEU B 549 16.46 1.88 -9.79
C LEU B 549 16.07 2.08 -8.33
N ALA B 550 14.80 1.86 -8.00
CA ALA B 550 14.36 2.03 -6.62
C ALA B 550 15.06 1.04 -5.70
N LEU B 551 15.25 -0.20 -6.15
CA LEU B 551 16.00 -1.17 -5.36
C LEU B 551 17.46 -0.78 -5.25
N GLU B 552 18.07 -0.30 -6.35
CA GLU B 552 19.48 0.07 -6.33
C GLU B 552 19.72 1.23 -5.36
N SER B 553 18.75 2.13 -5.24
CA SER B 553 18.93 3.30 -4.37
C SER B 553 19.19 2.88 -2.93
N ILE B 554 18.45 1.89 -2.43
CA ILE B 554 18.54 1.55 -1.01
C ILE B 554 19.67 0.55 -0.74
N VAL B 555 19.85 -0.43 -1.62
CA VAL B 555 20.79 -1.53 -1.36
C VAL B 555 22.10 -1.34 -2.10
N GLY B 556 22.04 -0.99 -3.39
CA GLY B 556 23.27 -0.73 -4.13
C GLY B 556 23.45 -1.59 -5.37
N ILE B 557 22.53 -2.52 -5.61
CA ILE B 557 22.63 -3.42 -6.76
C ILE B 557 21.23 -3.59 -7.35
N LYS B 558 21.19 -3.73 -8.68
CA LYS B 558 19.94 -3.78 -9.43
C LYS B 558 19.38 -5.18 -9.56
N THR B 559 19.75 -6.09 -8.67
CA THR B 559 19.36 -7.49 -8.80
C THR B 559 18.85 -8.01 -7.46
N MET B 560 18.04 -9.06 -7.53
CA MET B 560 17.50 -9.73 -6.35
C MET B 560 18.52 -10.74 -5.86
N ASP B 561 19.19 -10.45 -4.74
CA ASP B 561 20.24 -11.30 -4.21
C ASP B 561 19.83 -11.82 -2.84
N VAL B 562 20.00 -13.13 -2.64
CA VAL B 562 19.50 -13.80 -1.44
C VAL B 562 20.63 -13.94 -0.42
N LYS B 563 21.76 -13.30 -0.67
CA LYS B 563 22.86 -13.33 0.30
C LYS B 563 22.49 -12.75 1.65
N PRO B 564 21.83 -11.58 1.76
CA PRO B 564 21.46 -11.08 3.09
C PRO B 564 20.55 -12.01 3.88
N LEU B 565 19.67 -12.75 3.19
CA LEU B 565 18.80 -13.69 3.90
C LEU B 565 19.63 -14.77 4.61
N LEU B 566 20.62 -15.32 3.92
CA LEU B 566 21.51 -16.29 4.55
C LEU B 566 22.37 -15.64 5.63
N ASN B 567 22.77 -14.39 5.42
CA ASN B 567 23.52 -13.68 6.45
C ASN B 567 22.72 -13.53 7.73
N TYR B 568 21.40 -13.35 7.61
CA TYR B 568 20.55 -13.22 8.78
C TYR B 568 20.54 -14.50 9.60
N PHE B 569 20.47 -15.65 8.94
CA PHE B 569 20.37 -16.94 9.60
C PHE B 569 21.72 -17.62 9.79
N GLU B 570 22.81 -16.85 9.79
CA GLU B 570 24.13 -17.44 10.00
C GLU B 570 24.27 -18.13 11.35
N PRO B 571 23.86 -17.54 12.49
CA PRO B 571 23.98 -18.29 13.76
C PRO B 571 23.21 -19.60 13.77
N LEU B 572 22.05 -19.66 13.11
CA LEU B 572 21.26 -20.87 13.13
C LEU B 572 21.86 -21.97 12.28
N PHE B 573 22.55 -21.60 11.20
CA PHE B 573 23.11 -22.60 10.29
C PHE B 573 24.14 -23.47 11.00
N THR B 574 25.03 -22.85 11.79
CA THR B 574 26.04 -23.61 12.50
C THR B 574 25.40 -24.54 13.52
N TRP B 575 24.39 -24.06 14.24
CA TRP B 575 23.72 -24.89 15.25
C TRP B 575 23.00 -26.07 14.60
N LEU B 576 22.36 -25.83 13.45
CA LEU B 576 21.66 -26.91 12.76
C LEU B 576 22.64 -27.89 12.11
N LYS B 577 23.85 -27.45 11.80
CA LYS B 577 24.87 -28.40 11.35
C LYS B 577 25.42 -29.22 12.52
N GLU B 578 25.54 -28.59 13.70
CA GLU B 578 25.97 -29.32 14.89
C GLU B 578 24.95 -30.39 15.28
N GLN B 579 23.66 -30.02 15.32
CA GLN B 579 22.66 -30.96 15.81
C GLN B 579 22.37 -32.07 14.81
N ASN B 580 22.63 -31.84 13.53
CA ASN B 580 22.35 -32.82 12.47
C ASN B 580 23.58 -33.62 12.05
N ARG B 581 24.57 -33.73 12.93
CA ARG B 581 25.74 -34.55 12.63
C ARG B 581 25.35 -36.00 12.38
N ASN B 582 24.60 -36.59 13.31
CA ASN B 582 24.26 -38.01 13.20
C ASN B 582 23.24 -38.27 12.11
N SER B 583 22.22 -37.42 12.02
CA SER B 583 21.12 -37.65 11.09
C SER B 583 21.58 -37.42 9.66
N PHE B 584 20.79 -37.94 8.73
CA PHE B 584 21.07 -37.81 7.30
C PHE B 584 20.36 -36.56 6.78
N VAL B 585 21.13 -35.64 6.20
CA VAL B 585 20.57 -34.37 5.70
C VAL B 585 20.23 -34.60 4.23
N GLY B 586 19.03 -35.12 4.00
CA GLY B 586 18.55 -35.33 2.65
C GLY B 586 17.21 -36.03 2.67
N TRP B 587 16.58 -36.07 1.50
CA TRP B 587 15.32 -36.80 1.32
C TRP B 587 15.32 -37.48 -0.04
N SER B 588 14.68 -38.64 -0.10
CA SER B 588 14.60 -39.44 -1.32
C SER B 588 13.15 -39.56 -1.77
N THR B 589 12.94 -39.41 -3.07
CA THR B 589 11.58 -39.40 -3.61
C THR B 589 10.92 -40.77 -3.49
N GLU B 590 11.69 -41.84 -3.65
CA GLU B 590 11.14 -43.16 -3.91
C GLU B 590 10.15 -43.61 -2.83
N TRP B 591 10.56 -43.56 -1.57
CA TRP B 591 9.70 -44.03 -0.49
C TRP B 591 8.41 -43.21 -0.42
N THR B 592 7.30 -43.91 -0.16
CA THR B 592 5.99 -43.28 -0.10
C THR B 592 5.14 -44.01 0.94
N PRO B 593 4.36 -43.28 1.74
CA PRO B 593 3.51 -43.95 2.75
C PRO B 593 2.49 -44.89 2.15
N TYR B 594 2.19 -44.77 0.85
CA TYR B 594 1.21 -45.65 0.21
C TYR B 594 1.63 -47.11 0.32
N SER B 595 2.91 -47.40 0.12
CA SER B 595 3.42 -48.76 0.23
C SER B 595 3.54 -49.19 1.69
#